data_9UX0
#
_entry.id   9UX0
#
_cell.length_a   109.848
_cell.length_b   152.934
_cell.length_c   101.120
_cell.angle_alpha   90.000
_cell.angle_beta   90.000
_cell.angle_gamma   90.000
#
_symmetry.space_group_name_H-M   'C 2 2 21'
#
loop_
_entity.id
_entity.type
_entity.pdbx_description
1 polymer 'Cation transporter'
2 polymer 'CesT family type III secretion system chaperone'
#
loop_
_entity_poly.entity_id
_entity_poly.type
_entity_poly.pdbx_seq_one_letter_code
_entity_poly.pdbx_strand_id
1 'polypeptide(L)'
;GMVNTTQKISQSPVPDLEQFRAIAAQKDDRVISKRGEVKEPSTFHKGHKFASVSEGVLRKKYTKFFQENIKTHLDLKQAL
LKEEKPETALLAYSLVSPSGYRGEPLTERKILEVVSLLDEVKVEGDTYQQLKNTFDSISKDPRMQVSLENQYPGKMDGFG
AQLLEMGKEKLKGSGVNAAINLALPGVGLLVATGRELHKASVNGDAEAYHHQLEQISQLPGRDQRLSMPMQQTLAIGHAM
LSAEGAVGATLGMATGGLGTFGVSSVATAGVTPIAKEAIGTALATGIISGGGFVAGQAGAYGLNNEVQDQLKQGPMSGVL
PRLEISNVKGDFTFSMQEPAAVRALMAYLGPKEDTSMSSPQAPKEAQEMEAARLTLKQMLGSSPNEHLVPDVDSLLKLSD
EDMPSQTESTANGAFKKLLSEDWDWLMPAVRAMDKGEANKINEKLTYKLPLDAANGRVYLDKSPNLSGAQLDALDKLGSP
SQLRLMYLAEGWI
;
A
2 'polypeptide(L)'
;GPLGSMNTIQPLLDEFCRLNELPPLILEDGNRCQLLVDDRFVLYFTATEDDALMLSVAFGGLEKSGELRVRGLELLARAN
YQRVGSGNLALSLAPNGRQLVLAGRQPTEHLNSANLTVWFHEIIEQTELWQARFAMLDQDLSATSNHEQSHVQPLRV
;
B,C
#
# COMPACT_ATOMS: atom_id res chain seq x y z
N SER A 12 -30.54 -23.26 11.40
CA SER A 12 -29.37 -23.21 10.53
C SER A 12 -29.26 -21.86 9.81
N PRO A 13 -28.99 -20.79 10.57
CA PRO A 13 -28.88 -19.45 9.95
C PRO A 13 -27.50 -19.22 9.35
N VAL A 14 -27.21 -19.93 8.26
CA VAL A 14 -25.91 -19.82 7.60
C VAL A 14 -26.09 -19.01 6.31
N PRO A 15 -25.17 -18.10 6.01
CA PRO A 15 -25.25 -17.39 4.74
C PRO A 15 -24.81 -18.27 3.58
N ASP A 16 -25.52 -18.16 2.46
CA ASP A 16 -25.18 -18.93 1.28
C ASP A 16 -24.12 -18.19 0.47
N LEU A 17 -23.71 -18.81 -0.64
CA LEU A 17 -22.58 -18.28 -1.40
C LEU A 17 -22.89 -16.92 -2.02
N GLU A 18 -24.17 -16.68 -2.38
CA GLU A 18 -24.52 -15.42 -3.02
C GLU A 18 -24.25 -14.22 -2.11
N GLN A 19 -24.50 -14.40 -0.81
CA GLN A 19 -24.27 -13.29 0.12
C GLN A 19 -22.78 -13.02 0.31
N PHE A 20 -21.94 -14.02 0.13
CA PHE A 20 -20.50 -13.79 0.13
C PHE A 20 -20.05 -13.12 -1.15
N ARG A 21 -20.57 -13.58 -2.30
CA ARG A 21 -20.26 -12.94 -3.57
C ARG A 21 -20.66 -11.48 -3.57
N ALA A 22 -21.78 -11.16 -2.91
CA ALA A 22 -22.26 -9.78 -2.88
C ALA A 22 -21.28 -8.87 -2.13
N ILE A 23 -20.68 -9.36 -1.05
CA ILE A 23 -19.76 -8.55 -0.28
C ILE A 23 -18.35 -8.53 -0.86
N ALA A 24 -18.06 -9.41 -1.82
CA ALA A 24 -16.73 -9.50 -2.38
C ALA A 24 -16.34 -8.20 -3.10
N ALA A 25 -15.17 -7.68 -2.76
CA ALA A 25 -14.66 -6.46 -3.38
C ALA A 25 -13.16 -6.41 -3.18
N GLN A 26 -12.49 -5.58 -3.98
CA GLN A 26 -11.04 -5.45 -3.89
C GLN A 26 -10.63 -4.60 -2.70
N LYS A 27 -11.20 -4.87 -1.53
CA LYS A 27 -10.93 -4.11 -0.31
C LYS A 27 -10.62 -5.07 0.83
N ASP A 28 -9.81 -4.60 1.78
CA ASP A 28 -9.37 -5.40 2.90
C ASP A 28 -10.22 -5.17 4.15
N ASP A 29 -11.51 -4.90 3.98
CA ASP A 29 -12.40 -4.67 5.11
C ASP A 29 -12.86 -6.00 5.69
N ARG A 30 -12.73 -6.12 7.01
CA ARG A 30 -13.13 -7.34 7.70
C ARG A 30 -14.64 -7.51 7.64
N VAL A 31 -15.10 -8.72 7.32
CA VAL A 31 -16.50 -9.08 7.38
C VAL A 31 -16.65 -10.27 8.32
N ILE A 32 -17.82 -10.37 8.94
CA ILE A 32 -18.14 -11.48 9.82
C ILE A 32 -19.49 -12.06 9.42
N SER A 33 -19.65 -13.36 9.63
CA SER A 33 -20.90 -14.04 9.39
C SER A 33 -21.69 -14.07 10.70
N LYS A 34 -22.92 -13.55 10.66
CA LYS A 34 -23.72 -13.43 11.87
C LYS A 34 -25.19 -13.35 11.48
N ARG A 35 -26.01 -14.22 12.07
CA ARG A 35 -27.47 -14.20 11.91
C ARG A 35 -27.88 -14.28 10.44
N GLY A 36 -27.25 -15.20 9.71
CA GLY A 36 -27.63 -15.50 8.35
C GLY A 36 -27.06 -14.61 7.28
N GLU A 37 -26.40 -13.50 7.65
CA GLU A 37 -25.79 -12.60 6.68
C GLU A 37 -24.33 -12.36 7.04
N VAL A 38 -23.55 -11.98 6.02
CA VAL A 38 -22.14 -11.66 6.19
C VAL A 38 -21.92 -10.25 5.68
N LYS A 39 -21.37 -9.38 6.53
CA LYS A 39 -21.07 -8.00 6.17
C LYS A 39 -20.16 -7.43 7.25
N GLU A 40 -19.90 -6.12 7.15
CA GLU A 40 -19.02 -5.47 8.10
C GLU A 40 -19.67 -5.42 9.49
N PRO A 41 -18.89 -5.60 10.56
CA PRO A 41 -19.48 -5.67 11.89
C PRO A 41 -20.26 -4.42 12.29
N SER A 42 -19.88 -3.25 11.79
CA SER A 42 -20.58 -2.03 12.16
C SER A 42 -21.98 -1.98 11.56
N THR A 43 -22.19 -2.64 10.42
CA THR A 43 -23.43 -2.52 9.68
C THR A 43 -24.56 -3.40 10.21
N PHE A 44 -24.32 -4.17 11.27
CA PHE A 44 -25.39 -4.94 11.88
C PHE A 44 -26.29 -4.09 12.77
N HIS A 45 -25.83 -2.91 13.17
CA HIS A 45 -26.56 -2.04 14.08
C HIS A 45 -26.66 -0.65 13.47
N LYS A 46 -27.83 -0.02 13.66
CA LYS A 46 -28.06 1.30 13.06
C LYS A 46 -27.20 2.37 13.73
N GLY A 47 -26.83 2.19 15.00
CA GLY A 47 -26.03 3.15 15.71
C GLY A 47 -24.59 2.73 15.84
N HIS A 48 -23.85 3.46 16.68
CA HIS A 48 -22.48 3.14 17.03
C HIS A 48 -22.44 2.53 18.42
N LYS A 49 -21.48 1.64 18.64
CA LYS A 49 -21.30 0.98 19.92
C LYS A 49 -19.90 1.24 20.44
N PHE A 50 -19.78 1.43 21.76
CA PHE A 50 -18.55 1.92 22.37
C PHE A 50 -18.14 1.04 23.54
N ALA A 51 -16.83 1.02 23.80
CA ALA A 51 -16.27 0.24 24.90
C ALA A 51 -15.01 0.94 25.39
N SER A 52 -14.70 0.73 26.66
CA SER A 52 -13.50 1.30 27.29
C SER A 52 -12.39 0.26 27.28
N VAL A 53 -11.20 0.66 26.83
CA VAL A 53 -10.06 -0.25 26.82
C VAL A 53 -9.53 -0.43 28.25
N SER A 54 -8.91 -1.58 28.48
CA SER A 54 -8.44 -2.03 29.79
C SER A 54 -7.90 -3.44 29.60
N GLU A 55 -7.18 -3.94 30.61
CA GLU A 55 -6.53 -5.23 30.49
C GLU A 55 -7.53 -6.37 30.41
N GLY A 56 -8.73 -6.18 30.96
CA GLY A 56 -9.73 -7.23 30.91
C GLY A 56 -10.46 -7.29 29.58
N VAL A 57 -10.66 -6.14 28.95
CA VAL A 57 -11.51 -6.08 27.77
C VAL A 57 -10.73 -6.35 26.47
N LEU A 58 -9.47 -5.92 26.38
CA LEU A 58 -8.74 -6.14 25.13
C LEU A 58 -8.45 -7.62 24.92
N ARG A 59 -8.13 -8.35 26.00
CA ARG A 59 -7.99 -9.79 25.90
C ARG A 59 -9.33 -10.45 25.62
N LYS A 60 -10.41 -9.88 26.14
CA LYS A 60 -11.75 -10.39 25.85
C LYS A 60 -12.19 -10.00 24.43
N LYS A 61 -11.91 -8.76 24.03
CA LYS A 61 -12.28 -8.33 22.68
C LYS A 61 -11.53 -9.13 21.62
N TYR A 62 -10.27 -9.44 21.88
CA TYR A 62 -9.47 -10.21 20.93
C TYR A 62 -10.02 -11.64 20.78
N THR A 63 -10.31 -12.29 21.90
CA THR A 63 -10.94 -13.62 21.84
C THR A 63 -12.26 -13.56 21.09
N LYS A 64 -13.01 -12.47 21.28
CA LYS A 64 -14.27 -12.27 20.58
C LYS A 64 -14.06 -12.13 19.08
N PHE A 65 -13.00 -11.44 18.66
CA PHE A 65 -12.72 -11.29 17.24
C PHE A 65 -12.18 -12.59 16.65
N PHE A 66 -11.24 -13.23 17.36
CA PHE A 66 -10.66 -14.50 16.92
C PHE A 66 -11.75 -15.53 16.66
N GLN A 67 -12.80 -15.52 17.49
CA GLN A 67 -13.82 -16.57 17.42
C GLN A 67 -14.78 -16.39 16.26
N GLU A 68 -14.98 -15.17 15.76
CA GLU A 68 -15.87 -15.00 14.61
C GLU A 68 -15.12 -15.07 13.29
N ASN A 69 -13.86 -14.62 13.25
CA ASN A 69 -13.05 -14.84 12.06
C ASN A 69 -13.08 -16.32 11.66
N ILE A 70 -12.95 -17.20 12.65
CA ILE A 70 -13.02 -18.62 12.38
C ILE A 70 -14.45 -19.03 12.02
N LYS A 71 -15.44 -18.52 12.75
CA LYS A 71 -16.83 -18.84 12.43
C LYS A 71 -17.20 -18.34 11.02
N THR A 72 -16.70 -17.15 10.66
CA THR A 72 -16.99 -16.63 9.32
C THR A 72 -16.29 -17.44 8.25
N HIS A 73 -15.03 -17.83 8.49
CA HIS A 73 -14.34 -18.70 7.56
C HIS A 73 -15.08 -20.02 7.39
N LEU A 74 -15.55 -20.61 8.49
CA LEU A 74 -16.25 -21.88 8.41
C LEU A 74 -17.62 -21.73 7.77
N ASP A 75 -18.25 -20.56 7.91
CA ASP A 75 -19.50 -20.32 7.20
C ASP A 75 -19.26 -20.13 5.70
N LEU A 76 -18.15 -19.49 5.34
CA LEU A 76 -17.75 -19.45 3.94
C LEU A 76 -17.49 -20.86 3.42
N LYS A 77 -16.76 -21.66 4.20
CA LYS A 77 -16.50 -23.05 3.83
C LYS A 77 -17.81 -23.82 3.69
N GLN A 78 -18.72 -23.66 4.64
CA GLN A 78 -20.01 -24.34 4.55
C GLN A 78 -20.81 -23.86 3.35
N ALA A 79 -20.79 -22.55 3.10
CA ALA A 79 -21.51 -22.01 1.94
C ALA A 79 -20.94 -22.56 0.64
N LEU A 80 -19.62 -22.67 0.55
CA LEU A 80 -18.99 -23.24 -0.65
C LEU A 80 -19.39 -24.71 -0.81
N LEU A 81 -19.32 -25.48 0.27
CA LEU A 81 -19.60 -26.90 0.19
C LEU A 81 -21.05 -27.18 -0.23
N LYS A 82 -21.97 -26.30 0.14
CA LYS A 82 -23.37 -26.49 -0.23
C LYS A 82 -23.59 -26.24 -1.70
N GLU A 83 -22.85 -25.29 -2.30
CA GLU A 83 -23.09 -24.90 -3.68
C GLU A 83 -22.33 -25.73 -4.70
N GLU A 84 -21.22 -26.35 -4.31
CA GLU A 84 -20.39 -27.08 -5.26
C GLU A 84 -19.97 -28.42 -4.68
N LYS A 85 -19.42 -29.25 -5.56
CA LYS A 85 -18.88 -30.55 -5.14
C LYS A 85 -17.81 -30.31 -4.07
N PRO A 86 -17.69 -31.22 -3.09
CA PRO A 86 -16.70 -30.99 -2.01
C PRO A 86 -15.28 -30.83 -2.51
N GLU A 87 -14.90 -31.58 -3.55
CA GLU A 87 -13.56 -31.42 -4.12
C GLU A 87 -13.35 -30.01 -4.66
N THR A 88 -14.33 -29.48 -5.38
CA THR A 88 -14.22 -28.13 -5.92
C THR A 88 -14.27 -27.08 -4.82
N ALA A 89 -15.17 -27.25 -3.85
CA ALA A 89 -15.34 -26.26 -2.80
C ALA A 89 -14.11 -26.19 -1.90
N LEU A 90 -13.53 -27.34 -1.58
CA LEU A 90 -12.38 -27.36 -0.67
C LEU A 90 -11.09 -26.89 -1.33
N LEU A 91 -10.99 -27.06 -2.66
CA LEU A 91 -9.84 -26.49 -3.36
C LEU A 91 -9.88 -24.97 -3.32
N ALA A 92 -11.06 -24.38 -3.54
CA ALA A 92 -11.18 -22.93 -3.46
C ALA A 92 -11.02 -22.43 -2.03
N TYR A 93 -11.50 -23.20 -1.05
CA TYR A 93 -11.39 -22.78 0.33
C TYR A 93 -9.97 -22.88 0.87
N SER A 94 -9.13 -23.71 0.24
CA SER A 94 -7.76 -23.90 0.74
C SER A 94 -6.99 -22.58 0.77
N LEU A 95 -7.39 -21.62 -0.07
CA LEU A 95 -6.71 -20.32 -0.10
C LEU A 95 -6.75 -19.63 1.26
N VAL A 96 -7.87 -19.76 1.98
CA VAL A 96 -8.07 -19.06 3.24
C VAL A 96 -8.08 -19.99 4.43
N SER A 97 -7.91 -21.30 4.23
CA SER A 97 -8.06 -22.24 5.35
C SER A 97 -6.97 -22.09 6.39
N PRO A 98 -5.67 -22.14 6.06
CA PRO A 98 -4.65 -22.05 7.12
C PRO A 98 -4.65 -20.72 7.85
N SER A 99 -4.79 -19.62 7.11
CA SER A 99 -4.94 -18.31 7.76
C SER A 99 -6.23 -18.23 8.56
N GLY A 100 -7.29 -18.89 8.09
CA GLY A 100 -8.56 -18.84 8.80
C GLY A 100 -8.49 -19.51 10.16
N TYR A 101 -7.79 -20.65 10.23
CA TYR A 101 -7.67 -21.39 11.48
C TYR A 101 -6.90 -20.64 12.57
N ARG A 102 -6.12 -19.64 12.17
CA ARG A 102 -5.33 -18.86 13.11
C ARG A 102 -6.06 -17.61 13.57
N GLY A 103 -7.36 -17.51 13.31
CA GLY A 103 -8.13 -16.33 13.69
C GLY A 103 -7.93 -15.12 12.82
N GLU A 104 -7.18 -15.23 11.73
CA GLU A 104 -7.03 -14.11 10.82
C GLU A 104 -8.38 -13.72 10.23
N PRO A 105 -8.62 -12.44 9.99
CA PRO A 105 -9.95 -12.01 9.57
C PRO A 105 -10.23 -12.32 8.10
N LEU A 106 -11.48 -12.69 7.83
CA LEU A 106 -11.95 -12.79 6.45
C LEU A 106 -12.32 -11.39 5.96
N THR A 107 -11.81 -11.03 4.78
CA THR A 107 -12.02 -9.71 4.21
C THR A 107 -12.73 -9.83 2.88
N GLU A 108 -13.16 -8.67 2.36
CA GLU A 108 -13.84 -8.64 1.07
C GLU A 108 -12.91 -9.10 -0.06
N ARG A 109 -11.62 -8.81 0.06
CA ARG A 109 -10.68 -9.22 -0.98
C ARG A 109 -10.45 -10.72 -0.98
N LYS A 110 -10.30 -11.32 0.21
CA LYS A 110 -10.18 -12.77 0.31
C LYS A 110 -11.39 -13.46 -0.28
N ILE A 111 -12.58 -12.97 0.04
CA ILE A 111 -13.81 -13.54 -0.52
C ILE A 111 -13.81 -13.39 -2.03
N LEU A 112 -13.45 -12.20 -2.53
CA LEU A 112 -13.32 -12.01 -3.96
C LEU A 112 -12.32 -13.00 -4.56
N GLU A 113 -11.20 -13.22 -3.87
CA GLU A 113 -10.24 -14.23 -4.32
C GLU A 113 -10.86 -15.62 -4.34
N VAL A 114 -11.46 -16.02 -3.21
CA VAL A 114 -11.99 -17.37 -3.07
C VAL A 114 -13.08 -17.62 -4.12
N VAL A 115 -13.99 -16.65 -4.28
CA VAL A 115 -15.09 -16.81 -5.22
C VAL A 115 -14.58 -16.81 -6.65
N SER A 116 -13.60 -15.94 -6.95
CA SER A 116 -12.99 -15.97 -8.28
C SER A 116 -12.30 -17.30 -8.53
N LEU A 117 -11.56 -17.81 -7.55
CA LEU A 117 -10.90 -19.10 -7.69
C LEU A 117 -11.91 -20.21 -7.91
N LEU A 118 -13.04 -20.17 -7.17
CA LEU A 118 -14.05 -21.21 -7.32
C LEU A 118 -14.62 -21.22 -8.74
N ASP A 119 -14.84 -20.04 -9.32
CA ASP A 119 -15.36 -19.98 -10.69
C ASP A 119 -14.39 -20.61 -11.68
N GLU A 120 -13.09 -20.63 -11.36
CA GLU A 120 -12.11 -21.23 -12.26
C GLU A 120 -12.08 -22.75 -12.11
N VAL A 121 -11.89 -23.23 -10.87
CA VAL A 121 -11.76 -24.67 -10.66
C VAL A 121 -13.07 -25.41 -10.92
N LYS A 122 -14.20 -24.69 -10.96
CA LYS A 122 -15.46 -25.30 -11.38
C LYS A 122 -15.33 -25.91 -12.76
N VAL A 123 -14.78 -25.15 -13.71
CA VAL A 123 -14.63 -25.63 -15.07
C VAL A 123 -13.47 -26.61 -15.19
N GLU A 124 -12.34 -26.26 -14.58
CA GLU A 124 -11.12 -27.06 -14.71
C GLU A 124 -10.23 -26.77 -13.51
N GLY A 125 -9.97 -27.78 -12.69
CA GLY A 125 -9.24 -27.57 -11.46
C GLY A 125 -7.80 -28.06 -11.49
N ASP A 126 -7.42 -28.79 -12.55
CA ASP A 126 -6.09 -29.36 -12.59
C ASP A 126 -5.02 -28.28 -12.69
N THR A 127 -5.30 -27.19 -13.40
CA THR A 127 -4.31 -26.13 -13.55
C THR A 127 -3.95 -25.50 -12.21
N TYR A 128 -4.97 -25.04 -11.47
CA TYR A 128 -4.69 -24.45 -10.16
C TYR A 128 -4.18 -25.48 -9.16
N GLN A 129 -4.63 -26.73 -9.27
CA GLN A 129 -4.11 -27.77 -8.39
C GLN A 129 -2.62 -27.98 -8.61
N GLN A 130 -2.17 -27.92 -9.87
CA GLN A 130 -0.74 -27.95 -10.14
C GLN A 130 -0.04 -26.77 -9.48
N LEU A 131 -0.58 -25.57 -9.67
CA LEU A 131 0.02 -24.37 -9.09
C LEU A 131 0.09 -24.47 -7.57
N LYS A 132 -0.99 -24.93 -6.94
CA LYS A 132 -1.03 -24.98 -5.48
C LYS A 132 -0.02 -25.99 -4.94
N ASN A 133 0.04 -27.18 -5.54
CA ASN A 133 1.05 -28.15 -5.13
C ASN A 133 2.45 -27.59 -5.28
N THR A 134 2.71 -26.89 -6.39
CA THR A 134 4.00 -26.24 -6.58
C THR A 134 4.24 -25.18 -5.52
N PHE A 135 3.21 -24.37 -5.24
CA PHE A 135 3.34 -23.34 -4.21
C PHE A 135 3.46 -23.95 -2.82
N ASP A 136 2.84 -25.11 -2.60
CA ASP A 136 3.00 -25.79 -1.31
C ASP A 136 4.43 -26.27 -1.12
N SER A 137 5.08 -26.73 -2.20
CA SER A 137 6.44 -27.24 -2.09
C SER A 137 7.44 -26.10 -1.83
N ILE A 138 7.32 -25.00 -2.58
CA ILE A 138 8.24 -23.89 -2.40
C ILE A 138 7.98 -23.16 -1.09
N SER A 139 6.82 -23.35 -0.46
CA SER A 139 6.57 -22.77 0.85
C SER A 139 7.45 -23.41 1.92
N LYS A 140 7.91 -24.63 1.70
CA LYS A 140 8.82 -25.27 2.65
C LYS A 140 10.27 -24.89 2.40
N ASP A 141 10.56 -24.30 1.25
CA ASP A 141 11.93 -23.99 0.86
C ASP A 141 12.48 -22.85 1.72
N PRO A 142 13.62 -23.04 2.40
CA PRO A 142 14.20 -21.92 3.16
C PRO A 142 14.60 -20.76 2.27
N ARG A 143 15.03 -21.04 1.04
CA ARG A 143 15.41 -19.96 0.12
C ARG A 143 14.23 -19.04 -0.16
N MET A 144 13.05 -19.63 -0.44
CA MET A 144 11.84 -18.82 -0.57
C MET A 144 11.52 -18.09 0.73
N GLN A 145 11.77 -18.73 1.87
CA GLN A 145 11.39 -18.15 3.15
C GLN A 145 12.28 -16.98 3.51
N VAL A 146 13.60 -17.08 3.27
CA VAL A 146 14.46 -15.93 3.52
C VAL A 146 14.18 -14.84 2.50
N SER A 147 13.82 -15.21 1.27
CA SER A 147 13.44 -14.23 0.27
C SER A 147 12.23 -13.42 0.72
N LEU A 148 11.28 -14.07 1.38
CA LEU A 148 10.16 -13.34 1.97
C LEU A 148 10.61 -12.42 3.09
N GLU A 149 11.57 -12.89 3.91
CA GLU A 149 12.13 -12.06 4.96
C GLU A 149 12.71 -10.77 4.39
N ASN A 150 13.35 -10.86 3.22
CA ASN A 150 13.93 -9.67 2.60
C ASN A 150 12.85 -8.66 2.23
N GLN A 151 11.74 -9.12 1.68
CA GLN A 151 10.65 -8.22 1.29
C GLN A 151 9.75 -7.86 2.46
N TYR A 152 9.86 -8.55 3.59
CA TYR A 152 8.96 -8.35 4.73
C TYR A 152 9.78 -8.08 5.98
N PRO A 153 10.33 -6.88 6.13
CA PRO A 153 11.03 -6.55 7.39
C PRO A 153 10.04 -6.46 8.53
N GLY A 154 10.33 -7.19 9.62
CA GLY A 154 9.45 -7.22 10.76
C GLY A 154 8.77 -8.57 10.95
N LYS A 155 8.43 -9.22 9.83
CA LYS A 155 7.68 -10.46 9.92
C LYS A 155 8.52 -11.61 10.46
N MET A 156 9.77 -11.72 10.01
CA MET A 156 10.62 -12.83 10.42
C MET A 156 12.11 -12.46 10.38
N ASP A 157 12.47 -11.30 10.93
CA ASP A 157 13.84 -10.84 10.88
C ASP A 157 14.80 -11.88 11.45
N GLY A 158 15.94 -12.05 10.78
CA GLY A 158 16.97 -12.93 11.26
C GLY A 158 16.71 -14.41 11.09
N PHE A 159 15.62 -14.79 10.42
CA PHE A 159 15.36 -16.21 10.21
C PHE A 159 16.50 -16.86 9.44
N GLY A 160 16.80 -16.34 8.25
CA GLY A 160 17.82 -16.97 7.43
C GLY A 160 19.23 -16.83 7.99
N ALA A 161 19.54 -15.68 8.57
CA ALA A 161 20.87 -15.46 9.15
C ALA A 161 21.13 -16.44 10.29
N GLN A 162 20.28 -16.42 11.32
CA GLN A 162 20.41 -17.38 12.40
C GLN A 162 20.10 -18.81 11.96
N LEU A 163 19.55 -18.99 10.76
CA LEU A 163 19.44 -20.33 10.19
C LEU A 163 20.77 -20.83 9.68
N LEU A 164 21.65 -19.91 9.25
CA LEU A 164 22.94 -20.30 8.69
C LEU A 164 23.87 -20.92 9.72
N GLU A 165 23.65 -20.68 11.01
CA GLU A 165 24.49 -21.24 12.07
C GLU A 165 23.96 -22.59 12.53
N MET A 166 23.84 -23.52 11.58
CA MET A 166 23.29 -24.83 11.89
C MET A 166 24.03 -25.90 11.10
N GLY A 167 23.93 -27.14 11.59
CA GLY A 167 24.59 -28.27 10.98
C GLY A 167 23.82 -29.54 11.23
N LYS A 168 24.52 -30.68 11.24
CA LYS A 168 23.87 -31.96 11.45
C LYS A 168 23.41 -32.12 12.89
N GLU A 169 24.21 -31.64 13.84
CA GLU A 169 23.81 -31.72 15.25
C GLU A 169 22.49 -31.00 15.48
N LYS A 170 22.37 -29.78 14.98
CA LYS A 170 21.12 -29.03 15.13
C LYS A 170 20.02 -29.62 14.27
N LEU A 171 20.36 -30.05 13.03
CA LEU A 171 19.37 -30.50 12.05
C LEU A 171 19.84 -31.80 11.39
N LYS A 172 19.79 -32.91 12.14
CA LYS A 172 20.04 -34.22 11.57
C LYS A 172 18.73 -34.76 11.03
N GLY A 173 18.64 -34.91 9.71
CA GLY A 173 17.43 -35.42 9.11
C GLY A 173 17.58 -35.66 7.64
N SER A 174 17.18 -36.83 7.17
CA SER A 174 17.12 -37.15 5.75
C SER A 174 15.70 -37.15 5.21
N GLY A 175 14.75 -36.59 5.94
CA GLY A 175 13.46 -36.28 5.36
C GLY A 175 13.44 -34.86 4.82
N VAL A 176 13.72 -33.87 5.67
CA VAL A 176 13.85 -32.50 5.18
C VAL A 176 15.18 -31.87 5.57
N ASN A 177 15.71 -32.17 6.77
CA ASN A 177 16.90 -31.45 7.21
C ASN A 177 18.11 -31.70 6.32
N ALA A 178 18.12 -32.81 5.59
CA ALA A 178 19.06 -32.98 4.48
C ALA A 178 18.75 -32.02 3.33
N ALA A 179 17.46 -31.76 3.07
CA ALA A 179 17.10 -30.75 2.07
C ALA A 179 17.46 -29.35 2.55
N ILE A 180 17.30 -29.08 3.85
CA ILE A 180 17.66 -27.77 4.37
C ILE A 180 19.14 -27.50 4.11
N ASN A 181 20.01 -28.35 4.69
CA ASN A 181 21.46 -28.13 4.58
C ASN A 181 21.91 -27.92 3.15
N LEU A 182 21.31 -28.64 2.20
CA LEU A 182 21.67 -28.48 0.79
C LEU A 182 21.32 -27.10 0.26
N ALA A 183 20.37 -26.41 0.89
CA ALA A 183 19.99 -25.06 0.48
C ALA A 183 20.67 -23.96 1.28
N LEU A 184 21.43 -24.31 2.33
CA LEU A 184 22.12 -23.28 3.10
C LEU A 184 23.04 -22.39 2.29
N PRO A 185 23.79 -22.89 1.29
CA PRO A 185 24.53 -21.94 0.43
C PRO A 185 23.61 -20.98 -0.32
N GLY A 186 22.57 -21.51 -0.95
CA GLY A 186 21.62 -20.65 -1.64
C GLY A 186 20.98 -19.64 -0.70
N VAL A 187 20.67 -20.05 0.52
CA VAL A 187 20.18 -19.12 1.53
C VAL A 187 21.19 -18.01 1.75
N GLY A 188 22.47 -18.37 1.87
CA GLY A 188 23.51 -17.38 2.14
C GLY A 188 23.65 -16.36 1.02
N LEU A 189 23.60 -16.82 -0.23
CA LEU A 189 23.62 -15.89 -1.35
C LEU A 189 22.36 -15.03 -1.37
N LEU A 190 21.22 -15.64 -1.05
CA LEU A 190 19.94 -14.96 -1.23
C LEU A 190 19.67 -13.92 -0.15
N VAL A 191 20.25 -14.09 1.05
CA VAL A 191 20.04 -13.08 2.09
C VAL A 191 20.79 -11.81 1.75
N ALA A 192 22.02 -11.94 1.25
CA ALA A 192 22.87 -10.77 1.01
C ALA A 192 22.35 -9.93 -0.15
N THR A 193 22.00 -10.58 -1.26
CA THR A 193 21.64 -9.86 -2.47
C THR A 193 20.39 -9.00 -2.27
N GLY A 194 20.34 -7.88 -2.98
CA GLY A 194 19.23 -6.95 -2.89
C GLY A 194 19.54 -5.77 -1.99
N ARG A 195 18.57 -4.87 -1.91
CA ARG A 195 18.64 -3.71 -1.02
C ARG A 195 18.34 -4.07 0.44
N GLU A 196 18.23 -5.37 0.75
CA GLU A 196 17.81 -5.90 2.05
C GLU A 196 16.30 -5.73 2.24
N LEU A 197 15.71 -4.76 1.53
CA LEU A 197 14.27 -4.65 1.38
C LEU A 197 13.89 -4.60 -0.09
N HIS A 198 14.86 -4.60 -1.00
CA HIS A 198 14.67 -4.13 -2.36
C HIS A 198 14.07 -2.74 -2.27
N LYS A 199 13.14 -2.40 -3.15
CA LYS A 199 12.58 -1.05 -3.09
C LYS A 199 11.28 -0.98 -3.85
N ALA A 200 10.48 0.03 -3.50
CA ALA A 200 9.37 0.46 -4.34
C ALA A 200 9.92 1.00 -5.65
N SER A 201 10.58 0.15 -6.42
CA SER A 201 11.28 0.58 -7.64
C SER A 201 10.24 0.83 -8.72
N VAL A 202 9.70 2.04 -8.72
CA VAL A 202 8.76 2.50 -9.74
C VAL A 202 9.14 3.92 -10.12
N ASN A 203 8.99 4.24 -11.40
CA ASN A 203 9.22 5.59 -11.89
C ASN A 203 7.96 6.20 -12.47
N GLY A 204 6.80 5.61 -12.23
CA GLY A 204 5.59 6.02 -12.93
C GLY A 204 5.50 5.24 -14.22
N ASP A 205 6.65 5.08 -14.88
CA ASP A 205 6.72 4.26 -16.10
C ASP A 205 6.75 2.77 -15.78
N ALA A 206 7.27 2.41 -14.59
CA ALA A 206 7.27 1.00 -14.19
C ALA A 206 5.86 0.45 -14.10
N GLU A 207 4.88 1.30 -13.82
CA GLU A 207 3.49 0.90 -13.97
C GLU A 207 3.14 0.70 -15.45
N ALA A 208 3.62 1.61 -16.30
CA ALA A 208 3.38 1.49 -17.74
C ALA A 208 4.24 0.43 -18.41
N TYR A 209 5.39 0.09 -17.81
CA TYR A 209 6.18 -1.03 -18.33
C TYR A 209 5.43 -2.34 -18.16
N HIS A 210 4.92 -2.59 -16.96
CA HIS A 210 4.19 -3.84 -16.69
C HIS A 210 2.92 -3.94 -17.52
N HIS A 211 2.41 -2.82 -18.02
CA HIS A 211 1.30 -2.89 -18.98
C HIS A 211 1.74 -3.57 -20.26
N GLN A 212 2.98 -3.33 -20.70
CA GLN A 212 3.49 -3.97 -21.90
C GLN A 212 3.76 -5.45 -21.65
N LEU A 213 4.23 -5.81 -20.45
CA LEU A 213 4.44 -7.21 -20.13
C LEU A 213 3.13 -7.99 -20.15
N GLU A 214 2.02 -7.31 -19.82
CA GLU A 214 0.71 -7.94 -19.94
C GLU A 214 0.43 -8.36 -21.38
N GLN A 215 0.62 -7.45 -22.33
CA GLN A 215 0.47 -7.79 -23.74
C GLN A 215 1.45 -8.89 -24.14
N ILE A 216 2.69 -8.80 -23.66
CA ILE A 216 3.70 -9.81 -23.98
C ILE A 216 3.29 -11.16 -23.41
N SER A 217 2.71 -11.16 -22.20
CA SER A 217 2.24 -12.41 -21.62
C SER A 217 1.17 -13.07 -22.50
N GLN A 218 0.41 -12.28 -23.25
CA GLN A 218 -0.62 -12.80 -24.13
C GLN A 218 -0.07 -13.18 -25.52
N LEU A 219 1.24 -13.09 -25.72
CA LEU A 219 1.83 -13.53 -26.97
C LEU A 219 1.76 -15.05 -27.06
N PRO A 220 1.82 -15.59 -28.29
CA PRO A 220 1.74 -17.05 -28.45
C PRO A 220 2.87 -17.77 -27.71
N GLY A 221 2.52 -18.87 -27.06
CA GLY A 221 3.48 -19.70 -26.36
C GLY A 221 3.95 -19.17 -25.03
N ARG A 222 3.36 -18.10 -24.52
CA ARG A 222 3.79 -17.50 -23.26
C ARG A 222 2.74 -17.69 -22.18
N ASP A 223 3.21 -17.93 -20.96
CA ASP A 223 2.31 -18.20 -19.84
C ASP A 223 1.54 -16.94 -19.46
N GLN A 224 0.23 -17.10 -19.25
CA GLN A 224 -0.59 -16.03 -18.71
C GLN A 224 -1.10 -16.34 -17.31
N ARG A 225 -1.17 -17.61 -16.92
CA ARG A 225 -1.82 -17.99 -15.66
C ARG A 225 -1.04 -17.48 -14.46
N LEU A 226 0.29 -17.51 -14.53
CA LEU A 226 1.13 -17.05 -13.42
C LEU A 226 1.65 -15.63 -13.63
N SER A 227 2.05 -15.29 -14.85
CA SER A 227 2.75 -14.02 -15.07
C SER A 227 1.81 -12.83 -14.97
N MET A 228 0.62 -12.92 -15.57
CA MET A 228 -0.30 -11.79 -15.57
C MET A 228 -0.76 -11.39 -14.17
N PRO A 229 -1.12 -12.30 -13.27
CA PRO A 229 -1.42 -11.86 -11.89
C PRO A 229 -0.22 -11.23 -11.19
N MET A 230 0.98 -11.78 -11.37
CA MET A 230 2.17 -11.17 -10.79
C MET A 230 2.41 -9.77 -11.36
N GLN A 231 2.32 -9.65 -12.69
CA GLN A 231 2.55 -8.34 -13.32
C GLN A 231 1.47 -7.34 -12.93
N GLN A 232 0.23 -7.80 -12.79
CA GLN A 232 -0.85 -6.90 -12.40
C GLN A 232 -0.63 -6.38 -10.98
N THR A 233 -0.16 -7.25 -10.08
CA THR A 233 0.08 -6.83 -8.70
C THR A 233 1.19 -5.79 -8.62
N LEU A 234 2.27 -5.99 -9.38
CA LEU A 234 3.37 -5.03 -9.36
C LEU A 234 3.00 -3.70 -10.00
N ALA A 235 2.02 -3.69 -10.91
CA ALA A 235 1.61 -2.46 -11.58
C ALA A 235 0.60 -1.66 -10.77
N ILE A 236 -0.48 -2.30 -10.31
CA ILE A 236 -1.59 -1.60 -9.69
C ILE A 236 -1.80 -2.00 -8.23
N GLY A 237 -0.95 -2.86 -7.68
CA GLY A 237 -1.05 -3.24 -6.28
C GLY A 237 -1.84 -4.50 -6.01
N HIS A 238 -2.52 -5.06 -7.01
CA HIS A 238 -3.29 -6.28 -6.83
C HIS A 238 -3.62 -6.86 -8.19
N ALA A 239 -3.90 -8.16 -8.22
CA ALA A 239 -4.26 -8.83 -9.45
C ALA A 239 -5.68 -8.50 -9.85
N MET A 240 -6.04 -8.84 -11.09
CA MET A 240 -7.39 -8.67 -11.59
C MET A 240 -8.14 -9.99 -11.38
N LEU A 241 -9.07 -9.98 -10.44
CA LEU A 241 -9.76 -11.20 -10.05
C LEU A 241 -10.98 -11.44 -10.93
N SER A 242 -11.39 -12.71 -11.00
CA SER A 242 -12.41 -13.13 -11.97
C SER A 242 -13.74 -12.45 -11.72
N ALA A 243 -14.12 -12.29 -10.45
CA ALA A 243 -15.47 -11.87 -10.09
C ALA A 243 -15.63 -10.36 -9.98
N GLU A 244 -14.61 -9.58 -10.35
CA GLU A 244 -14.74 -8.12 -10.32
C GLU A 244 -14.88 -7.57 -11.73
N GLN A 313 -3.10 -20.57 -22.70
CA GLN A 313 -4.20 -20.74 -21.75
C GLN A 313 -4.97 -19.44 -21.56
N GLY A 314 -4.98 -18.96 -20.32
CA GLY A 314 -5.63 -17.71 -19.99
C GLY A 314 -5.36 -17.30 -18.56
N PRO A 315 -5.58 -16.03 -18.24
CA PRO A 315 -5.43 -15.59 -16.84
C PRO A 315 -6.50 -16.15 -15.92
N MET A 316 -7.65 -16.56 -16.48
CA MET A 316 -8.71 -17.22 -15.74
C MET A 316 -9.17 -16.40 -14.54
N SER A 317 -9.00 -16.96 -13.34
CA SER A 317 -9.46 -16.27 -12.13
C SER A 317 -8.51 -15.17 -11.67
N GLY A 318 -7.26 -15.20 -12.13
CA GLY A 318 -6.24 -14.29 -11.65
C GLY A 318 -5.79 -14.53 -10.22
N VAL A 319 -6.24 -15.61 -9.59
CA VAL A 319 -5.90 -15.93 -8.21
C VAL A 319 -4.73 -16.91 -8.23
N LEU A 320 -3.72 -16.62 -7.42
CA LEU A 320 -2.58 -17.49 -7.22
C LEU A 320 -2.60 -18.06 -5.81
N PRO A 321 -1.97 -19.21 -5.58
CA PRO A 321 -1.99 -19.83 -4.26
C PRO A 321 -1.29 -18.96 -3.23
N ARG A 322 -1.52 -19.29 -1.96
CA ARG A 322 -0.86 -18.59 -0.87
C ARG A 322 0.51 -19.20 -0.60
N LEU A 323 1.40 -18.37 -0.05
CA LEU A 323 2.65 -18.85 0.52
C LEU A 323 2.41 -19.13 2.00
N GLU A 324 2.25 -20.40 2.34
CA GLU A 324 2.01 -20.82 3.72
C GLU A 324 3.35 -21.18 4.35
N ILE A 325 3.88 -20.26 5.14
CA ILE A 325 5.23 -20.36 5.68
C ILE A 325 5.14 -20.77 7.14
N SER A 326 5.74 -21.91 7.47
CA SER A 326 5.87 -22.38 8.84
C SER A 326 7.35 -22.61 9.11
N ASN A 327 7.91 -21.87 10.06
CA ASN A 327 9.30 -22.02 10.42
C ASN A 327 9.48 -21.69 11.90
N VAL A 328 10.73 -21.54 12.32
CA VAL A 328 11.02 -21.24 13.72
C VAL A 328 10.53 -19.86 14.12
N LYS A 329 10.30 -18.97 13.15
CA LYS A 329 9.85 -17.62 13.46
C LYS A 329 8.34 -17.50 13.65
N GLY A 330 7.57 -18.43 13.08
CA GLY A 330 6.14 -18.45 13.30
C GLY A 330 5.41 -18.98 12.10
N ASP A 331 4.09 -18.76 12.10
CA ASP A 331 3.20 -19.21 11.04
C ASP A 331 2.68 -17.98 10.30
N PHE A 332 2.93 -17.91 8.99
CA PHE A 332 2.56 -16.77 8.19
C PHE A 332 1.87 -17.23 6.90
N THR A 333 1.03 -16.36 6.36
CA THR A 333 0.41 -16.54 5.06
C THR A 333 0.67 -15.30 4.23
N PHE A 334 1.17 -15.50 3.01
CA PHE A 334 1.50 -14.39 2.12
C PHE A 334 0.65 -14.50 0.87
N SER A 335 -0.08 -13.44 0.55
CA SER A 335 -0.93 -13.39 -0.63
C SER A 335 -0.13 -12.95 -1.84
N MET A 336 -0.30 -13.67 -2.95
CA MET A 336 0.33 -13.24 -4.21
C MET A 336 -0.22 -11.92 -4.71
N GLN A 337 -1.27 -11.39 -4.08
CA GLN A 337 -1.77 -10.07 -4.40
C GLN A 337 -0.97 -8.97 -3.71
N GLU A 338 -0.06 -9.32 -2.81
CA GLU A 338 0.82 -8.33 -2.21
C GLU A 338 2.06 -8.16 -3.07
N PRO A 339 2.46 -6.91 -3.38
CA PRO A 339 3.65 -6.74 -4.23
C PRO A 339 4.92 -7.33 -3.64
N ALA A 340 5.10 -7.21 -2.33
CA ALA A 340 6.30 -7.76 -1.70
C ALA A 340 6.39 -9.27 -1.89
N ALA A 341 5.25 -9.95 -1.86
CA ALA A 341 5.26 -11.39 -2.07
C ALA A 341 5.64 -11.76 -3.50
N VAL A 342 5.15 -10.98 -4.47
CA VAL A 342 5.54 -11.20 -5.86
C VAL A 342 7.03 -10.97 -6.04
N ARG A 343 7.56 -9.91 -5.44
CA ARG A 343 8.98 -9.62 -5.54
C ARG A 343 9.81 -10.72 -4.90
N ALA A 344 9.34 -11.25 -3.76
CA ALA A 344 10.07 -12.32 -3.09
C ALA A 344 10.11 -13.58 -3.94
N LEU A 345 8.98 -13.95 -4.55
CA LEU A 345 8.97 -15.06 -5.48
C LEU A 345 9.89 -14.79 -6.67
N MET A 346 9.84 -13.57 -7.18
CA MET A 346 10.65 -13.18 -8.34
C MET A 346 12.14 -13.41 -8.09
N ALA A 347 12.66 -12.87 -6.99
CA ALA A 347 14.06 -13.05 -6.67
C ALA A 347 14.39 -14.53 -6.45
N TYR A 348 13.47 -15.27 -5.81
CA TYR A 348 13.70 -16.67 -5.51
C TYR A 348 13.71 -17.55 -6.76
N LEU A 349 13.11 -17.09 -7.86
CA LEU A 349 13.12 -17.83 -9.11
C LEU A 349 14.29 -17.47 -10.02
N GLY A 350 15.03 -16.42 -9.70
CA GLY A 350 16.10 -15.93 -10.56
C GLY A 350 17.24 -16.90 -10.82
N PRO A 351 17.93 -17.32 -9.75
CA PRO A 351 19.16 -18.11 -9.93
C PRO A 351 18.95 -19.38 -10.73
N LYS A 352 20.06 -19.84 -11.32
CA LYS A 352 20.08 -21.07 -12.11
C LYS A 352 19.75 -22.28 -11.23
N GLU A 353 19.56 -23.42 -11.89
CA GLU A 353 19.20 -24.64 -11.21
C GLU A 353 20.29 -25.06 -10.22
N ASP A 354 19.94 -25.30 -8.98
CA ASP A 354 20.89 -25.72 -7.98
C ASP A 354 20.93 -27.22 -8.12
N THR A 355 21.97 -27.71 -8.78
CA THR A 355 22.10 -29.13 -9.11
C THR A 355 22.28 -30.01 -7.88
N SER A 356 22.68 -29.43 -6.78
CA SER A 356 22.83 -30.20 -5.58
C SER A 356 21.48 -30.70 -5.12
N MET A 357 20.48 -29.83 -5.11
CA MET A 357 19.13 -30.20 -4.69
C MET A 357 18.38 -30.95 -5.78
N SER A 358 18.68 -30.69 -7.04
CA SER A 358 18.06 -31.41 -8.14
C SER A 358 18.65 -32.81 -8.33
N SER A 359 19.69 -33.16 -7.60
CA SER A 359 20.35 -34.44 -7.78
C SER A 359 19.41 -35.58 -7.40
N PRO A 360 19.38 -36.67 -8.18
CA PRO A 360 18.63 -37.86 -7.73
C PRO A 360 19.13 -38.42 -6.42
N GLN A 361 20.45 -38.33 -6.17
CA GLN A 361 21.01 -38.74 -4.89
C GLN A 361 20.58 -37.84 -3.75
N ALA A 362 20.07 -36.64 -4.06
CA ALA A 362 19.72 -35.68 -3.03
C ALA A 362 18.47 -36.13 -2.27
N PRO A 363 18.27 -35.60 -1.07
CA PRO A 363 17.02 -35.88 -0.33
C PRO A 363 15.80 -35.62 -1.20
N LYS A 364 14.79 -36.48 -1.03
CA LYS A 364 13.59 -36.35 -1.86
C LYS A 364 12.88 -35.03 -1.62
N GLU A 365 12.99 -34.48 -0.41
CA GLU A 365 12.41 -33.16 -0.16
C GLU A 365 13.13 -32.09 -0.96
N ALA A 366 14.46 -32.09 -0.92
CA ALA A 366 15.24 -31.12 -1.70
C ALA A 366 14.92 -31.22 -3.18
N GLN A 367 14.78 -32.45 -3.68
CA GLN A 367 14.35 -32.65 -5.06
C GLN A 367 13.02 -31.97 -5.31
N GLU A 368 12.10 -32.05 -4.35
CA GLU A 368 10.76 -31.51 -4.54
C GLU A 368 10.76 -29.99 -4.55
N MET A 369 11.52 -29.37 -3.63
CA MET A 369 11.56 -27.91 -3.57
C MET A 369 12.19 -27.32 -4.83
N GLU A 370 13.33 -27.87 -5.25
CA GLU A 370 14.01 -27.34 -6.43
C GLU A 370 13.20 -27.58 -7.70
N ALA A 371 12.59 -28.77 -7.81
CA ALA A 371 11.77 -29.06 -8.99
C ALA A 371 10.56 -28.13 -9.06
N ALA A 372 9.96 -27.82 -7.90
CA ALA A 372 8.85 -26.88 -7.89
C ALA A 372 9.31 -25.46 -8.18
N ARG A 373 10.54 -25.11 -7.79
CA ARG A 373 11.06 -23.78 -8.11
C ARG A 373 11.36 -23.65 -9.59
N LEU A 374 11.98 -24.66 -10.19
CA LEU A 374 12.22 -24.66 -11.63
C LEU A 374 10.92 -24.71 -12.42
N THR A 375 9.84 -25.25 -11.83
CA THR A 375 8.56 -25.30 -12.52
C THR A 375 7.99 -23.90 -12.69
N LEU A 376 7.91 -23.13 -11.59
CA LEU A 376 7.47 -21.75 -11.70
C LEU A 376 8.43 -20.92 -12.53
N LYS A 377 9.73 -21.16 -12.35
CA LYS A 377 10.75 -20.46 -13.14
C LYS A 377 10.54 -20.72 -14.63
N GLN A 378 10.33 -21.97 -15.01
CA GLN A 378 10.09 -22.30 -16.41
C GLN A 378 8.76 -21.76 -16.89
N MET A 379 7.75 -21.72 -16.02
CA MET A 379 6.47 -21.14 -16.39
C MET A 379 6.64 -19.70 -16.87
N LEU A 380 7.49 -18.93 -16.20
CA LEU A 380 7.82 -17.57 -16.60
C LEU A 380 8.89 -17.51 -17.68
N GLY A 381 9.07 -18.60 -18.43
CA GLY A 381 10.00 -18.64 -19.54
C GLY A 381 11.46 -18.77 -19.18
N SER A 382 11.79 -18.84 -17.89
CA SER A 382 13.18 -18.87 -17.44
C SER A 382 13.66 -20.31 -17.40
N SER A 383 14.60 -20.65 -18.28
CA SER A 383 15.11 -22.00 -18.36
C SER A 383 15.91 -22.35 -17.10
N PRO A 384 16.14 -23.64 -16.84
CA PRO A 384 17.04 -24.02 -15.74
C PRO A 384 18.43 -23.40 -15.87
N ASN A 385 18.89 -23.15 -17.09
CA ASN A 385 20.21 -22.54 -17.27
C ASN A 385 20.22 -21.06 -16.87
N GLU A 386 19.07 -20.40 -16.93
CA GLU A 386 19.04 -18.95 -16.75
C GLU A 386 19.34 -18.57 -15.31
N HIS A 387 20.28 -17.64 -15.14
CA HIS A 387 20.71 -17.14 -13.84
C HIS A 387 20.43 -15.64 -13.80
N LEU A 388 19.48 -15.24 -12.96
CA LEU A 388 19.06 -13.85 -12.83
C LEU A 388 19.25 -13.42 -11.39
N VAL A 389 20.08 -12.40 -11.18
CA VAL A 389 20.29 -11.84 -9.84
C VAL A 389 20.19 -10.32 -9.91
N PRO A 390 19.54 -9.67 -8.95
CA PRO A 390 19.63 -8.20 -8.86
C PRO A 390 21.08 -7.76 -8.72
N ASP A 391 21.49 -6.81 -9.56
CA ASP A 391 22.87 -6.37 -9.59
C ASP A 391 22.98 -4.85 -9.54
N VAL A 392 23.74 -4.27 -10.46
CA VAL A 392 23.98 -2.83 -10.51
C VAL A 392 23.14 -2.25 -11.64
N ASP A 393 22.43 -1.16 -11.36
CA ASP A 393 21.65 -0.48 -12.38
C ASP A 393 22.06 0.99 -12.53
N MET A 403 27.92 -9.40 -13.14
CA MET A 403 27.47 -10.79 -13.06
C MET A 403 26.82 -11.26 -14.37
N PRO A 404 25.83 -10.53 -14.92
CA PRO A 404 25.22 -10.96 -16.19
C PRO A 404 26.27 -11.24 -17.25
N SER A 405 25.95 -12.18 -18.13
CA SER A 405 26.85 -12.52 -19.22
C SER A 405 27.04 -11.30 -20.14
N GLN A 406 28.11 -11.37 -20.94
CA GLN A 406 28.39 -10.28 -21.88
C GLN A 406 27.25 -10.11 -22.87
N THR A 407 26.71 -11.22 -23.38
CA THR A 407 25.54 -11.13 -24.25
C THR A 407 24.28 -10.80 -23.47
N GLU A 408 24.22 -11.20 -22.20
CA GLU A 408 23.06 -10.87 -21.37
C GLU A 408 23.00 -9.37 -21.08
N SER A 409 24.14 -8.79 -20.67
CA SER A 409 24.16 -7.38 -20.30
C SER A 409 23.87 -6.49 -21.51
N THR A 410 24.39 -6.84 -22.68
CA THR A 410 24.07 -6.08 -23.88
C THR A 410 22.61 -6.25 -24.27
N ALA A 411 22.05 -7.43 -24.05
CA ALA A 411 20.63 -7.65 -24.33
C ALA A 411 19.75 -6.84 -23.39
N ASN A 412 20.08 -6.84 -22.09
CA ASN A 412 19.30 -6.07 -21.13
C ASN A 412 19.32 -4.58 -21.48
N GLY A 413 20.48 -4.07 -21.90
CA GLY A 413 20.55 -2.68 -22.31
C GLY A 413 19.78 -2.39 -23.58
N ALA A 414 19.68 -3.37 -24.47
CA ALA A 414 18.85 -3.21 -25.66
C ALA A 414 17.37 -3.14 -25.28
N PHE A 415 16.95 -3.97 -24.32
CA PHE A 415 15.58 -3.90 -23.82
C PHE A 415 15.29 -2.54 -23.20
N LYS A 416 16.24 -2.02 -22.40
CA LYS A 416 16.05 -0.72 -21.76
C LYS A 416 15.96 0.39 -22.81
N LYS A 417 16.76 0.28 -23.88
CA LYS A 417 16.70 1.26 -24.95
C LYS A 417 15.31 1.28 -25.60
N LEU A 418 14.73 0.10 -25.82
CA LEU A 418 13.39 0.05 -26.40
C LEU A 418 12.34 0.62 -25.45
N LEU A 419 12.48 0.34 -24.16
CA LEU A 419 11.47 0.77 -23.19
C LEU A 419 11.46 2.28 -23.02
N SER A 420 12.64 2.90 -23.01
CA SER A 420 12.74 4.33 -22.75
C SER A 420 12.50 5.19 -23.98
N GLU A 421 12.57 4.62 -25.18
CA GLU A 421 12.43 5.39 -26.40
C GLU A 421 11.03 5.33 -27.01
N ASP A 422 10.25 4.31 -26.69
CA ASP A 422 8.90 4.17 -27.24
C ASP A 422 8.05 3.37 -26.28
N TRP A 423 6.73 3.48 -26.46
CA TRP A 423 5.79 2.79 -25.60
C TRP A 423 5.35 1.44 -26.15
N ASP A 424 5.50 1.19 -27.45
CA ASP A 424 5.01 -0.02 -28.08
C ASP A 424 6.11 -0.72 -28.88
N TRP A 425 7.34 -0.67 -28.38
CA TRP A 425 8.46 -1.33 -29.05
C TRP A 425 8.88 -2.62 -28.39
N LEU A 426 8.75 -2.74 -27.07
CA LEU A 426 9.19 -3.95 -26.38
C LEU A 426 8.41 -5.17 -26.85
N MET A 427 7.07 -5.06 -26.90
CA MET A 427 6.26 -6.21 -27.29
C MET A 427 6.57 -6.71 -28.69
N PRO A 428 6.62 -5.87 -29.73
CA PRO A 428 6.99 -6.40 -31.05
C PRO A 428 8.42 -6.92 -31.11
N ALA A 429 9.34 -6.35 -30.33
CA ALA A 429 10.70 -6.88 -30.30
C ALA A 429 10.76 -8.24 -29.65
N VAL A 430 10.06 -8.40 -28.51
CA VAL A 430 9.98 -9.71 -27.87
C VAL A 430 9.30 -10.72 -28.79
N ARG A 431 8.30 -10.26 -29.55
CA ARG A 431 7.64 -11.15 -30.51
C ARG A 431 8.62 -11.58 -31.59
N ALA A 432 9.43 -10.65 -32.10
CA ALA A 432 10.41 -11.01 -33.12
C ALA A 432 11.42 -12.02 -32.58
N MET A 433 11.85 -11.84 -31.33
CA MET A 433 12.77 -12.79 -30.74
C MET A 433 12.11 -14.16 -30.53
N ASP A 434 10.82 -14.16 -30.17
CA ASP A 434 10.10 -15.41 -29.99
C ASP A 434 10.05 -16.22 -31.29
N LYS A 435 10.10 -15.54 -32.43
CA LYS A 435 10.11 -16.20 -33.72
C LYS A 435 11.52 -16.42 -34.27
N GLY A 436 12.55 -16.10 -33.49
CA GLY A 436 13.92 -16.22 -33.97
C GLY A 436 14.34 -15.17 -34.96
N GLU A 437 13.56 -14.10 -35.11
CA GLU A 437 13.83 -13.04 -36.08
C GLU A 437 14.32 -11.78 -35.38
N ALA A 438 15.15 -11.93 -34.35
CA ALA A 438 15.67 -10.77 -33.64
C ALA A 438 16.50 -9.88 -34.55
N ASN A 439 17.13 -10.45 -35.58
CA ASN A 439 17.91 -9.65 -36.51
C ASN A 439 17.05 -8.69 -37.30
N LYS A 440 15.74 -8.92 -37.36
CA LYS A 440 14.81 -8.06 -38.10
C LYS A 440 14.14 -7.02 -37.21
N ILE A 441 14.61 -6.82 -35.98
CA ILE A 441 13.91 -5.98 -35.03
C ILE A 441 13.87 -4.52 -35.51
N ASN A 442 15.00 -4.02 -36.03
CA ASN A 442 15.06 -2.63 -36.46
C ASN A 442 14.06 -2.35 -37.57
N GLU A 443 14.00 -3.22 -38.58
CA GLU A 443 13.08 -3.02 -39.68
C GLU A 443 11.64 -3.34 -39.30
N LYS A 444 11.44 -4.29 -38.38
CA LYS A 444 10.08 -4.67 -38.00
C LYS A 444 9.41 -3.58 -37.19
N LEU A 445 10.14 -2.95 -36.27
CA LEU A 445 9.60 -1.93 -35.38
C LEU A 445 9.61 -0.54 -36.01
N THR A 446 9.94 -0.45 -37.30
CA THR A 446 10.06 0.86 -37.95
C THR A 446 8.69 1.49 -38.16
N TYR A 447 8.56 2.75 -37.78
CA TYR A 447 7.38 3.56 -38.05
C TYR A 447 7.61 4.37 -39.31
N LYS A 448 6.71 4.24 -40.28
CA LYS A 448 6.81 4.96 -41.55
C LYS A 448 5.75 6.04 -41.59
N LEU A 449 6.17 7.29 -41.75
CA LEU A 449 5.26 8.43 -41.81
C LEU A 449 5.36 9.09 -43.18
N PRO A 450 4.36 8.94 -44.05
CA PRO A 450 4.47 9.50 -45.40
C PRO A 450 4.28 11.02 -45.40
N LEU A 451 5.23 11.71 -46.01
CA LEU A 451 5.07 13.12 -46.32
C LEU A 451 4.36 13.27 -47.65
N ASP A 452 3.99 14.51 -47.98
CA ASP A 452 3.46 14.79 -49.31
C ASP A 452 4.62 15.01 -50.27
N ALA A 453 4.66 14.21 -51.34
CA ALA A 453 5.81 14.21 -52.24
C ALA A 453 5.35 13.85 -53.64
N ALA A 454 6.31 13.78 -54.56
CA ALA A 454 6.04 13.48 -55.96
C ALA A 454 7.01 12.41 -56.45
N ASN A 455 6.62 11.77 -57.55
CA ASN A 455 7.43 10.73 -58.20
C ASN A 455 7.78 9.62 -57.23
N GLY A 456 6.74 8.95 -56.72
CA GLY A 456 6.91 7.91 -55.74
C GLY A 456 6.39 8.31 -54.37
N ARG A 457 6.97 7.77 -53.32
CA ARG A 457 6.54 8.06 -51.96
C ARG A 457 7.75 8.32 -51.08
N VAL A 458 7.77 9.47 -50.42
CA VAL A 458 8.80 9.82 -49.46
C VAL A 458 8.22 9.64 -48.05
N TYR A 459 8.97 8.98 -47.19
CA TYR A 459 8.55 8.69 -45.84
C TYR A 459 9.49 9.31 -44.82
N LEU A 460 8.97 9.51 -43.62
CA LEU A 460 9.77 9.80 -42.44
C LEU A 460 9.70 8.57 -41.53
N ASP A 461 10.83 7.92 -41.29
CA ASP A 461 10.82 6.75 -40.42
C ASP A 461 11.56 6.96 -39.11
N LYS A 462 11.03 6.31 -38.09
CA LYS A 462 11.66 6.16 -36.79
C LYS A 462 11.90 4.67 -36.56
N SER A 463 13.15 4.31 -36.26
CA SER A 463 13.53 2.94 -36.01
C SER A 463 14.26 2.86 -34.68
N PRO A 464 14.19 1.71 -33.99
CA PRO A 464 14.90 1.59 -32.71
C PRO A 464 16.39 1.83 -32.81
N ASN A 465 16.99 1.63 -33.99
CA ASN A 465 18.42 1.85 -34.20
C ASN A 465 19.26 1.02 -33.24
N LEU A 466 18.85 -0.23 -33.03
CA LEU A 466 19.66 -1.14 -32.24
C LEU A 466 20.94 -1.47 -33.00
N SER A 467 22.07 -1.39 -32.30
CA SER A 467 23.34 -1.71 -32.93
C SER A 467 23.40 -3.18 -33.30
N GLY A 468 24.32 -3.51 -34.20
CA GLY A 468 24.50 -4.90 -34.60
C GLY A 468 24.85 -5.79 -33.42
N ALA A 469 25.63 -5.26 -32.47
CA ALA A 469 25.94 -6.01 -31.26
C ALA A 469 24.70 -6.26 -30.43
N GLN A 470 23.78 -5.29 -30.39
CA GLN A 470 22.56 -5.46 -29.59
C GLN A 470 21.62 -6.46 -30.24
N LEU A 471 21.46 -6.39 -31.57
CA LEU A 471 20.63 -7.36 -32.27
C LEU A 471 21.14 -8.79 -32.06
N ASP A 472 22.46 -8.95 -32.07
CA ASP A 472 23.03 -10.28 -31.88
C ASP A 472 22.84 -10.78 -30.46
N ALA A 473 23.03 -9.91 -29.47
CA ALA A 473 22.79 -10.29 -28.08
C ALA A 473 21.34 -10.69 -27.86
N LEU A 474 20.40 -9.96 -28.48
CA LEU A 474 19.00 -10.35 -28.38
C LEU A 474 18.75 -11.69 -29.05
N ASP A 475 19.34 -11.90 -30.23
CA ASP A 475 19.19 -13.19 -30.91
C ASP A 475 19.78 -14.33 -30.11
N LYS A 476 20.85 -14.07 -29.35
CA LYS A 476 21.45 -15.10 -28.51
C LYS A 476 20.53 -15.51 -27.36
N LEU A 477 19.53 -14.69 -27.04
CA LEU A 477 18.65 -14.97 -25.92
C LEU A 477 17.51 -15.92 -26.25
N GLY A 478 17.27 -16.18 -27.53
CA GLY A 478 16.11 -16.98 -27.90
C GLY A 478 14.84 -16.30 -27.46
N SER A 479 13.93 -17.09 -26.90
CA SER A 479 12.75 -16.51 -26.27
C SER A 479 13.15 -15.85 -24.96
N PRO A 480 13.08 -14.53 -24.83
CA PRO A 480 13.43 -13.91 -23.54
C PRO A 480 12.40 -14.28 -22.48
N SER A 481 12.89 -14.72 -21.34
CA SER A 481 12.00 -15.14 -20.26
C SER A 481 11.14 -13.97 -19.78
N GLN A 482 9.88 -14.26 -19.48
CA GLN A 482 9.03 -13.28 -18.83
C GLN A 482 9.63 -12.84 -17.51
N LEU A 483 10.37 -13.73 -16.84
CA LEU A 483 11.02 -13.37 -15.59
C LEU A 483 12.07 -12.29 -15.80
N ARG A 484 12.85 -12.38 -16.89
CA ARG A 484 13.83 -11.34 -17.17
C ARG A 484 13.16 -10.01 -17.49
N LEU A 485 12.11 -10.05 -18.34
CA LEU A 485 11.36 -8.84 -18.62
C LEU A 485 10.74 -8.27 -17.35
N MET A 486 10.32 -9.15 -16.44
CA MET A 486 9.79 -8.70 -15.16
C MET A 486 10.90 -8.08 -14.30
N TYR A 487 12.10 -8.64 -14.37
CA TYR A 487 13.24 -8.05 -13.68
C TYR A 487 13.54 -6.65 -14.22
N LEU A 488 13.42 -6.47 -15.53
CA LEU A 488 13.72 -5.19 -16.15
C LEU A 488 12.70 -4.13 -15.76
N ALA A 489 11.41 -4.49 -15.81
CA ALA A 489 10.36 -3.53 -15.46
C ALA A 489 10.49 -3.07 -14.02
N GLU A 490 10.99 -3.93 -13.13
CA GLU A 490 11.21 -3.56 -11.75
C GLU A 490 12.53 -2.81 -11.54
N GLY A 491 13.36 -2.71 -12.57
CA GLY A 491 14.65 -2.04 -12.43
C GLY A 491 15.69 -2.86 -11.71
N TRP A 492 15.59 -4.19 -11.76
CA TRP A 492 16.53 -5.05 -11.06
C TRP A 492 17.76 -5.38 -11.88
N ILE A 493 17.65 -5.37 -13.21
CA ILE A 493 18.80 -5.63 -14.07
C ILE A 493 18.88 -4.58 -15.17
N GLN B 10 -10.58 18.76 34.67
CA GLN B 10 -9.86 17.88 33.75
C GLN B 10 -10.59 16.55 33.55
N PRO B 11 -11.11 15.93 34.63
CA PRO B 11 -12.04 14.81 34.42
C PRO B 11 -13.47 15.29 34.25
N LEU B 12 -13.66 16.45 33.61
CA LEU B 12 -15.00 16.97 33.40
C LEU B 12 -15.78 16.18 32.36
N LEU B 13 -15.12 15.31 31.60
CA LEU B 13 -15.80 14.48 30.62
C LEU B 13 -16.87 13.60 31.24
N ASP B 14 -16.83 13.42 32.57
CA ASP B 14 -17.77 12.53 33.25
C ASP B 14 -19.22 12.92 32.95
N GLU B 15 -19.49 14.21 32.78
CA GLU B 15 -20.83 14.61 32.34
C GLU B 15 -21.09 14.17 30.91
N PHE B 16 -20.08 14.28 30.04
CA PHE B 16 -20.25 13.95 28.63
C PHE B 16 -20.56 12.46 28.44
N CYS B 17 -19.85 11.59 29.15
CA CYS B 17 -20.14 10.16 29.02
C CYS B 17 -21.44 9.78 29.71
N ARG B 18 -21.66 10.32 30.92
CA ARG B 18 -22.93 10.10 31.60
C ARG B 18 -24.09 10.65 30.80
N LEU B 19 -23.85 11.68 29.98
CA LEU B 19 -24.91 12.25 29.17
C LEU B 19 -25.36 11.29 28.07
N ASN B 20 -24.41 10.62 27.42
CA ASN B 20 -24.69 9.84 26.22
C ASN B 20 -24.55 8.34 26.43
N GLU B 21 -24.57 7.88 27.69
CA GLU B 21 -24.41 6.47 28.03
C GLU B 21 -23.05 5.94 27.57
N LEU B 22 -22.00 6.68 27.90
CA LEU B 22 -20.71 6.18 27.47
C LEU B 22 -19.93 5.61 28.63
N PRO B 23 -19.26 4.48 28.39
CA PRO B 23 -18.41 3.86 29.43
C PRO B 23 -17.42 4.87 29.99
N PRO B 24 -16.84 4.58 31.17
CA PRO B 24 -16.00 5.58 31.84
C PRO B 24 -14.74 5.90 31.06
N LEU B 25 -14.19 7.08 31.34
CA LEU B 25 -12.96 7.58 30.72
C LEU B 25 -12.04 8.06 31.84
N ILE B 26 -11.20 7.16 32.34
CA ILE B 26 -10.23 7.49 33.39
C ILE B 26 -8.86 7.61 32.74
N LEU B 27 -8.29 8.81 32.79
CA LEU B 27 -7.00 9.10 32.16
C LEU B 27 -5.89 8.71 33.15
N GLU B 28 -5.21 7.60 32.88
CA GLU B 28 -4.22 7.05 33.79
C GLU B 28 -2.94 6.71 33.03
N ASP B 29 -1.85 6.65 33.78
CA ASP B 29 -0.53 6.25 33.28
C ASP B 29 -0.12 7.09 32.08
N GLY B 30 0.02 8.38 32.32
CA GLY B 30 0.26 9.34 31.27
C GLY B 30 -0.96 10.11 30.83
N ASN B 31 -1.93 10.34 31.72
CA ASN B 31 -3.19 11.04 31.48
C ASN B 31 -3.81 10.74 30.11
N ARG B 32 -3.81 9.48 29.71
CA ARG B 32 -4.41 9.06 28.46
C ARG B 32 -5.61 8.17 28.74
N CYS B 33 -6.67 8.37 27.95
CA CYS B 33 -7.87 7.54 28.00
C CYS B 33 -8.28 7.16 26.59
N GLN B 34 -8.84 5.96 26.44
CA GLN B 34 -9.15 5.42 25.13
C GLN B 34 -10.58 4.88 25.10
N LEU B 35 -11.15 4.90 23.90
CA LEU B 35 -12.49 4.39 23.65
C LEU B 35 -12.47 3.56 22.37
N LEU B 36 -13.37 2.59 22.27
CA LEU B 36 -13.46 1.71 21.12
C LEU B 36 -14.78 1.98 20.40
N VAL B 37 -14.70 2.27 19.11
CA VAL B 37 -15.86 2.65 18.31
C VAL B 37 -16.17 1.50 17.36
N ASP B 38 -17.32 0.87 17.55
CA ASP B 38 -17.86 -0.12 16.61
C ASP B 38 -16.89 -1.26 16.32
N ASP B 39 -16.06 -1.61 17.31
CA ASP B 39 -15.09 -2.70 17.26
C ASP B 39 -14.00 -2.50 16.21
N ARG B 40 -13.92 -1.32 15.58
CA ARG B 40 -12.95 -1.10 14.52
C ARG B 40 -11.95 0.02 14.80
N PHE B 41 -12.37 1.09 15.46
CA PHE B 41 -11.53 2.26 15.65
C PHE B 41 -11.25 2.48 17.14
N VAL B 42 -10.09 3.06 17.43
CA VAL B 42 -9.69 3.42 18.78
C VAL B 42 -9.61 4.94 18.85
N LEU B 43 -10.46 5.53 19.69
CA LEU B 43 -10.45 6.97 19.91
C LEU B 43 -9.54 7.30 21.09
N TYR B 44 -8.81 8.40 20.97
CA TYR B 44 -7.86 8.82 22.00
C TYR B 44 -8.28 10.18 22.54
N PHE B 45 -8.52 10.24 23.85
CA PHE B 45 -8.82 11.48 24.56
C PHE B 45 -7.57 11.84 25.34
N THR B 46 -6.71 12.64 24.74
CA THR B 46 -5.47 13.06 25.38
C THR B 46 -5.58 14.52 25.82
N ALA B 47 -4.92 14.83 26.93
CA ALA B 47 -4.97 16.15 27.53
C ALA B 47 -3.68 16.89 27.18
N THR B 48 -3.79 17.90 26.32
CA THR B 48 -2.64 18.75 26.04
C THR B 48 -2.21 19.49 27.29
N GLU B 49 -0.92 19.75 27.39
CA GLU B 49 -0.42 20.62 28.45
C GLU B 49 -0.84 22.07 28.24
N ASP B 50 -1.49 22.38 27.12
CA ASP B 50 -1.88 23.74 26.76
C ASP B 50 -3.36 24.01 27.05
N ASP B 51 -3.95 23.30 28.01
CA ASP B 51 -5.36 23.45 28.35
C ASP B 51 -6.25 23.23 27.12
N ALA B 52 -6.01 22.13 26.43
CA ALA B 52 -6.81 21.76 25.26
C ALA B 52 -7.09 20.27 25.31
N LEU B 53 -8.12 19.86 24.57
CA LEU B 53 -8.49 18.46 24.46
C LEU B 53 -8.26 18.02 23.03
N MET B 54 -7.29 17.12 22.82
CA MET B 54 -6.95 16.63 21.49
C MET B 54 -7.58 15.26 21.30
N LEU B 55 -8.46 15.14 20.32
CA LEU B 55 -9.04 13.86 19.92
C LEU B 55 -8.28 13.33 18.72
N SER B 56 -7.86 12.07 18.80
CA SER B 56 -7.13 11.44 17.71
C SER B 56 -7.59 10.00 17.58
N VAL B 57 -7.76 9.55 16.33
CA VAL B 57 -8.17 8.18 16.05
C VAL B 57 -7.43 7.70 14.80
N ALA B 58 -6.65 6.64 14.95
CA ALA B 58 -6.09 5.95 13.79
C ALA B 58 -7.20 5.14 13.11
N PHE B 59 -7.30 5.27 11.79
CA PHE B 59 -8.45 4.70 11.10
C PHE B 59 -8.08 3.77 9.93
N GLY B 60 -6.81 3.49 9.72
CA GLY B 60 -6.46 2.55 8.68
C GLY B 60 -5.01 2.67 8.29
N GLY B 61 -4.70 2.07 7.13
CA GLY B 61 -3.34 1.99 6.66
C GLY B 61 -3.22 2.48 5.23
N LEU B 62 -2.01 2.88 4.88
CA LEU B 62 -1.65 3.29 3.54
C LEU B 62 -0.71 2.25 2.94
N GLU B 63 -0.75 2.08 1.62
CA GLU B 63 0.05 1.05 1.00
C GLU B 63 1.54 1.35 1.17
N LYS B 64 2.31 0.30 1.43
CA LYS B 64 3.74 0.46 1.71
C LYS B 64 4.51 1.03 0.52
N SER B 65 4.00 0.86 -0.69
CA SER B 65 4.78 1.19 -1.87
C SER B 65 3.86 1.32 -3.08
N GLY B 66 4.46 1.73 -4.19
CA GLY B 66 3.78 1.71 -5.47
C GLY B 66 2.88 2.90 -5.70
N GLU B 67 2.11 2.80 -6.80
CA GLU B 67 1.20 3.87 -7.17
C GLU B 67 0.06 4.00 -6.18
N LEU B 68 -0.28 2.92 -5.47
CA LEU B 68 -1.33 3.00 -4.46
C LEU B 68 -0.93 3.94 -3.32
N ARG B 69 0.35 3.95 -2.96
CA ARG B 69 0.82 4.87 -1.93
C ARG B 69 0.81 6.31 -2.44
N VAL B 70 1.23 6.52 -3.69
CA VAL B 70 1.25 7.87 -4.25
C VAL B 70 -0.17 8.45 -4.30
N ARG B 71 -1.14 7.64 -4.75
CA ARG B 71 -2.51 8.12 -4.84
C ARG B 71 -3.06 8.44 -3.45
N GLY B 72 -2.70 7.65 -2.44
CA GLY B 72 -3.09 7.96 -1.09
C GLY B 72 -2.37 9.18 -0.55
N LEU B 73 -1.07 9.30 -0.86
CA LEU B 73 -0.32 10.50 -0.48
C LEU B 73 -0.93 11.74 -1.10
N GLU B 74 -1.28 11.68 -2.39
CA GLU B 74 -1.95 12.79 -3.04
C GLU B 74 -3.28 13.10 -2.37
N LEU B 75 -4.02 12.06 -1.98
CA LEU B 75 -5.32 12.26 -1.35
C LEU B 75 -5.16 12.89 0.04
N LEU B 76 -4.10 12.52 0.77
CA LEU B 76 -3.91 13.05 2.11
C LEU B 76 -3.52 14.52 2.07
N ALA B 77 -2.64 14.90 1.13
CA ALA B 77 -2.12 16.26 1.10
C ALA B 77 -3.24 17.26 0.80
N ARG B 78 -4.06 16.98 -0.20
CA ARG B 78 -5.11 17.91 -0.60
C ARG B 78 -6.33 17.87 0.31
N ALA B 79 -6.48 16.81 1.12
CA ALA B 79 -7.64 16.70 1.99
C ALA B 79 -7.58 17.72 3.11
N ASN B 80 -6.39 18.01 3.64
CA ASN B 80 -6.25 18.97 4.73
C ASN B 80 -6.43 20.40 4.26
N TYR B 81 -6.52 20.65 2.96
CA TYR B 81 -6.77 22.00 2.46
C TYR B 81 -8.16 22.47 2.85
N GLN B 82 -9.16 21.60 2.71
CA GLN B 82 -10.51 21.94 3.11
C GLN B 82 -10.63 21.93 4.63
N ARG B 83 -11.70 22.54 5.13
CA ARG B 83 -12.06 22.39 6.52
C ARG B 83 -12.61 20.98 6.68
N VAL B 84 -11.75 20.05 7.12
CA VAL B 84 -12.21 18.68 7.32
C VAL B 84 -13.04 18.58 8.59
N GLY B 85 -12.66 19.32 9.64
CA GLY B 85 -13.42 19.25 10.88
C GLY B 85 -13.14 20.43 11.78
N SER B 86 -13.97 20.54 12.81
CA SER B 86 -13.76 21.54 13.84
C SER B 86 -12.53 21.19 14.67
N GLY B 87 -12.07 22.17 15.46
CA GLY B 87 -10.84 21.99 16.20
C GLY B 87 -9.63 21.79 15.32
N ASN B 88 -9.69 22.29 14.08
CA ASN B 88 -8.60 22.15 13.11
C ASN B 88 -8.22 20.68 12.94
N LEU B 89 -9.24 19.83 12.85
CA LEU B 89 -9.06 18.42 12.55
C LEU B 89 -8.20 18.26 11.29
N ALA B 90 -7.29 17.29 11.32
CA ALA B 90 -6.32 17.14 10.25
C ALA B 90 -6.02 15.67 10.00
N LEU B 91 -5.68 15.36 8.74
CA LEU B 91 -5.24 14.05 8.34
C LEU B 91 -3.72 13.97 8.40
N SER B 92 -3.19 12.81 8.78
CA SER B 92 -1.75 12.69 8.91
C SER B 92 -1.34 11.24 8.81
N LEU B 93 -0.04 11.04 8.56
CA LEU B 93 0.58 9.72 8.47
C LEU B 93 1.47 9.51 9.68
N ALA B 94 1.37 8.33 10.29
CA ALA B 94 2.13 8.03 11.50
C ALA B 94 3.61 7.83 11.17
N PRO B 95 4.48 8.00 12.17
CA PRO B 95 5.92 7.75 11.97
C PRO B 95 6.23 6.39 11.36
N ASN B 96 5.42 5.36 11.63
CA ASN B 96 5.69 4.06 11.02
C ASN B 96 5.56 4.10 9.50
N GLY B 97 5.00 5.18 8.94
CA GLY B 97 4.90 5.34 7.51
C GLY B 97 3.70 4.68 6.88
N ARG B 98 2.77 4.13 7.68
CA ARG B 98 1.64 3.41 7.12
C ARG B 98 0.30 3.73 7.77
N GLN B 99 0.24 4.07 9.06
CA GLN B 99 -1.02 4.29 9.74
C GLN B 99 -1.55 5.69 9.44
N LEU B 100 -2.83 5.77 9.10
CA LEU B 100 -3.50 7.04 8.84
C LEU B 100 -4.11 7.55 10.14
N VAL B 101 -3.81 8.81 10.49
CA VAL B 101 -4.22 9.38 11.78
C VAL B 101 -5.05 10.62 11.51
N LEU B 102 -6.22 10.70 12.14
CA LEU B 102 -7.09 11.86 12.10
C LEU B 102 -7.15 12.45 13.50
N ALA B 103 -6.68 13.69 13.65
CA ALA B 103 -6.56 14.30 14.96
C ALA B 103 -6.97 15.77 14.91
N GLY B 104 -7.53 16.24 16.02
CA GLY B 104 -7.88 17.63 16.20
C GLY B 104 -7.99 17.92 17.68
N ARG B 105 -7.93 19.21 18.01
CA ARG B 105 -7.95 19.61 19.42
C ARG B 105 -8.76 20.87 19.60
N GLN B 106 -9.24 21.05 20.84
CA GLN B 106 -10.08 22.17 21.25
C GLN B 106 -9.66 22.62 22.64
N PRO B 107 -9.65 23.92 22.92
CA PRO B 107 -9.32 24.37 24.27
C PRO B 107 -10.42 24.01 25.25
N THR B 108 -10.01 23.52 26.42
CA THR B 108 -10.98 23.02 27.40
C THR B 108 -11.95 24.09 27.87
N GLU B 109 -11.49 25.35 27.92
CA GLU B 109 -12.33 26.42 28.44
C GLU B 109 -13.59 26.62 27.60
N HIS B 110 -13.50 26.40 26.29
CA HIS B 110 -14.65 26.45 25.41
C HIS B 110 -15.28 25.09 25.19
N LEU B 111 -15.10 24.16 26.13
CA LEU B 111 -15.58 22.79 25.99
C LEU B 111 -16.41 22.43 27.22
N ASN B 112 -17.72 22.34 27.05
CA ASN B 112 -18.63 21.86 28.08
C ASN B 112 -18.95 20.38 27.79
N SER B 113 -20.19 19.95 27.80
CA SER B 113 -20.55 18.59 27.43
C SER B 113 -21.35 18.51 26.14
N ALA B 114 -22.33 19.41 25.95
CA ALA B 114 -23.13 19.39 24.74
C ALA B 114 -22.31 19.71 23.50
N ASN B 115 -21.29 20.57 23.64
CA ASN B 115 -20.43 20.86 22.50
C ASN B 115 -19.46 19.73 22.21
N LEU B 116 -19.04 18.99 23.25
CA LEU B 116 -18.24 17.80 23.03
C LEU B 116 -18.97 16.81 22.12
N THR B 117 -20.26 16.59 22.40
CA THR B 117 -21.05 15.63 21.63
C THR B 117 -21.03 15.99 20.14
N VAL B 118 -21.13 17.28 19.81
CA VAL B 118 -21.03 17.70 18.42
C VAL B 118 -19.65 17.40 17.87
N TRP B 119 -18.60 17.76 18.62
CA TRP B 119 -17.25 17.45 18.19
C TRP B 119 -16.97 15.95 18.25
N PHE B 120 -17.67 15.23 19.13
CA PHE B 120 -17.44 13.79 19.25
C PHE B 120 -18.04 13.03 18.08
N HIS B 121 -19.27 13.37 17.69
CA HIS B 121 -19.88 12.72 16.53
C HIS B 121 -19.18 13.10 15.24
N GLU B 122 -18.68 14.34 15.16
CA GLU B 122 -18.07 14.81 13.92
C GLU B 122 -16.80 14.04 13.59
N ILE B 123 -15.95 13.79 14.60
CA ILE B 123 -14.74 13.03 14.34
C ILE B 123 -15.08 11.59 13.97
N ILE B 124 -16.11 11.02 14.60
CA ILE B 124 -16.54 9.67 14.24
C ILE B 124 -17.04 9.63 12.81
N GLU B 125 -17.97 10.52 12.46
CA GLU B 125 -18.50 10.58 11.10
C GLU B 125 -17.38 10.85 10.09
N GLN B 126 -16.45 11.74 10.42
CA GLN B 126 -15.34 12.01 9.52
C GLN B 126 -14.34 10.86 9.50
N THR B 127 -14.16 10.16 10.61
CA THR B 127 -13.29 9.00 10.63
C THR B 127 -13.84 7.87 9.76
N GLU B 128 -15.15 7.69 9.78
CA GLU B 128 -15.78 6.71 8.89
C GLU B 128 -15.54 7.07 7.43
N LEU B 129 -15.64 8.36 7.10
CA LEU B 129 -15.58 8.78 5.70
C LEU B 129 -14.18 8.59 5.13
N TRP B 130 -13.15 8.83 5.94
CA TRP B 130 -11.78 8.70 5.43
C TRP B 130 -11.30 7.27 5.41
N GLN B 131 -11.83 6.43 6.30
CA GLN B 131 -11.58 4.99 6.20
C GLN B 131 -12.12 4.44 4.88
N ALA B 132 -13.26 4.95 4.43
CA ALA B 132 -13.87 4.46 3.20
C ALA B 132 -13.16 5.00 1.97
N ARG B 133 -12.83 6.29 1.96
CA ARG B 133 -12.21 6.88 0.77
C ARG B 133 -10.79 6.35 0.55
N PHE B 134 -10.06 6.04 1.63
CA PHE B 134 -8.72 5.48 1.48
C PHE B 134 -8.76 3.98 1.17
N ALA B 135 -9.84 3.29 1.50
CA ALA B 135 -10.05 1.92 1.06
C ALA B 135 -10.69 1.85 -0.32
N MET B 136 -11.12 2.99 -0.87
CA MET B 136 -11.72 3.06 -2.19
C MET B 136 -10.80 3.74 -3.20
N LEU B 137 -9.49 3.69 -2.94
CA LEU B 137 -8.52 4.27 -3.87
C LEU B 137 -8.39 3.45 -5.14
N ASP B 138 -8.60 2.13 -5.05
CA ASP B 138 -8.33 1.23 -6.15
C ASP B 138 -9.30 1.41 -7.31
N GLN B 139 -8.99 2.33 -8.21
CA GLN B 139 -9.71 2.48 -9.48
C GLN B 139 -8.95 3.40 -10.43
N ASN C 7 -16.83 42.07 9.41
CA ASN C 7 -16.90 43.28 10.21
C ASN C 7 -17.00 42.92 11.69
N THR C 8 -16.97 41.61 11.97
CA THR C 8 -17.10 41.11 13.32
C THR C 8 -15.75 41.00 14.02
N ILE C 9 -14.76 40.44 13.34
CA ILE C 9 -13.40 40.41 13.88
C ILE C 9 -12.67 41.73 13.75
N GLN C 10 -13.26 42.69 13.02
CA GLN C 10 -12.61 43.99 12.82
C GLN C 10 -12.25 44.68 14.13
N PRO C 11 -13.11 44.76 15.15
CA PRO C 11 -12.65 45.29 16.43
C PRO C 11 -11.53 44.47 17.05
N LEU C 12 -11.59 43.14 16.92
CA LEU C 12 -10.49 42.32 17.41
C LEU C 12 -9.23 42.55 16.59
N LEU C 13 -9.37 42.63 15.27
CA LEU C 13 -8.22 42.94 14.42
C LEU C 13 -7.64 44.31 14.74
N ASP C 14 -8.51 45.28 15.05
CA ASP C 14 -8.03 46.62 15.37
C ASP C 14 -7.18 46.60 16.64
N GLU C 15 -7.68 45.99 17.71
CA GLU C 15 -6.90 45.89 18.93
C GLU C 15 -5.66 45.04 18.72
N PHE C 16 -5.77 43.95 17.95
CA PHE C 16 -4.62 43.11 17.66
C PHE C 16 -3.55 43.90 16.92
N CYS C 17 -3.95 44.74 15.96
CA CYS C 17 -3.00 45.56 15.23
C CYS C 17 -2.37 46.61 16.14
N ARG C 18 -3.20 47.31 16.93
CA ARG C 18 -2.67 48.32 17.84
C ARG C 18 -1.77 47.70 18.89
N LEU C 19 -2.11 46.51 19.37
CA LEU C 19 -1.32 45.86 20.41
C LEU C 19 0.05 45.44 19.90
N ASN C 20 0.17 45.11 18.61
CA ASN C 20 1.40 44.57 18.05
C ASN C 20 2.14 45.57 17.17
N GLU C 21 1.75 46.84 17.21
CA GLU C 21 2.39 47.88 16.41
C GLU C 21 2.39 47.50 14.93
N LEU C 22 1.25 47.01 14.47
CA LEU C 22 1.05 46.50 13.12
C LEU C 22 0.18 47.47 12.31
N PRO C 23 0.36 47.53 11.00
CA PRO C 23 -0.54 48.34 10.19
C PRO C 23 -1.96 47.82 10.29
N PRO C 24 -2.96 48.69 10.07
CA PRO C 24 -4.34 48.26 10.24
C PRO C 24 -4.73 47.21 9.21
N LEU C 25 -5.43 46.17 9.68
CA LEU C 25 -5.96 45.12 8.82
C LEU C 25 -7.46 45.34 8.69
N ILE C 26 -7.89 45.79 7.50
CA ILE C 26 -9.28 46.13 7.25
C ILE C 26 -9.82 45.16 6.20
N LEU C 27 -10.92 44.49 6.54
CA LEU C 27 -11.52 43.53 5.63
C LEU C 27 -12.12 44.26 4.44
N GLU C 28 -11.75 43.83 3.24
CA GLU C 28 -12.23 44.46 2.01
C GLU C 28 -13.63 43.94 1.73
N ASP C 29 -14.61 44.57 2.39
CA ASP C 29 -16.03 44.23 2.39
C ASP C 29 -16.32 43.06 3.32
N GLY C 30 -15.59 42.98 4.43
CA GLY C 30 -15.94 42.08 5.52
C GLY C 30 -15.59 40.62 5.34
N ASN C 31 -14.64 40.30 4.46
CA ASN C 31 -14.31 38.90 4.17
C ASN C 31 -12.83 38.61 4.40
N ARG C 32 -11.94 39.16 3.58
CA ARG C 32 -10.53 38.80 3.60
C ARG C 32 -9.64 40.03 3.59
N CYS C 33 -8.48 39.91 4.24
CA CYS C 33 -7.45 40.93 4.19
C CYS C 33 -6.11 40.25 4.42
N GLN C 34 -5.05 40.89 3.93
CA GLN C 34 -3.73 40.27 3.91
C GLN C 34 -2.69 41.19 4.56
N LEU C 35 -1.60 40.57 5.00
CA LEU C 35 -0.54 41.25 5.72
C LEU C 35 0.81 40.74 5.21
N LEU C 36 1.67 41.67 4.80
CA LEU C 36 3.02 41.32 4.37
C LEU C 36 3.88 41.13 5.60
N VAL C 37 4.32 39.90 5.84
CA VAL C 37 5.07 39.56 7.04
C VAL C 37 6.56 39.65 6.74
N ASP C 38 7.26 40.54 7.48
CA ASP C 38 8.72 40.59 7.49
C ASP C 38 9.29 40.79 6.09
N ASP C 39 8.51 41.42 5.20
CA ASP C 39 8.91 41.64 3.80
C ASP C 39 9.32 40.33 3.12
N ARG C 40 8.74 39.22 3.58
CA ARG C 40 9.13 37.89 3.10
C ARG C 40 7.95 37.12 2.52
N PHE C 41 6.85 37.02 3.26
CA PHE C 41 5.66 36.31 2.77
C PHE C 41 4.42 37.06 3.22
N VAL C 42 3.27 36.63 2.69
CA VAL C 42 1.99 37.30 2.90
C VAL C 42 1.10 36.39 3.74
N LEU C 43 0.57 36.94 4.82
CA LEU C 43 -0.37 36.25 5.69
C LEU C 43 -1.77 36.75 5.41
N TYR C 44 -2.72 35.82 5.23
CA TYR C 44 -4.09 36.15 4.88
C TYR C 44 -5.00 35.99 6.09
N PHE C 45 -5.82 37.01 6.34
CA PHE C 45 -6.87 36.97 7.36
C PHE C 45 -8.20 36.82 6.65
N THR C 46 -8.80 35.63 6.74
CA THR C 46 -10.06 35.34 6.08
C THR C 46 -11.17 35.24 7.11
N ALA C 47 -12.12 36.16 7.04
CA ALA C 47 -13.32 36.11 7.88
C ALA C 47 -14.36 35.30 7.12
N THR C 48 -14.34 33.99 7.35
CA THR C 48 -15.31 33.12 6.72
C THR C 48 -16.72 33.54 7.09
N GLU C 49 -17.70 32.78 6.63
CA GLU C 49 -19.10 33.10 6.93
C GLU C 49 -19.54 32.54 8.28
N ASP C 50 -18.96 31.41 8.70
CA ASP C 50 -19.40 30.72 9.91
C ASP C 50 -18.70 31.22 11.18
N ASP C 51 -18.49 32.53 11.28
CA ASP C 51 -18.01 33.16 12.51
C ASP C 51 -16.68 32.57 12.98
N ALA C 52 -15.70 32.58 12.09
CA ALA C 52 -14.38 32.10 12.44
C ALA C 52 -13.33 32.97 11.75
N LEU C 53 -12.11 32.90 12.25
CA LEU C 53 -10.97 33.58 11.64
C LEU C 53 -10.03 32.54 11.05
N MET C 54 -9.64 32.75 9.80
CA MET C 54 -8.74 31.84 9.11
C MET C 54 -7.42 32.55 8.81
N LEU C 55 -6.34 32.05 9.39
CA LEU C 55 -4.99 32.46 9.04
C LEU C 55 -4.43 31.46 8.05
N SER C 56 -3.97 31.95 6.90
CA SER C 56 -3.50 31.07 5.84
C SER C 56 -2.30 31.68 5.13
N VAL C 57 -1.29 30.86 4.90
CA VAL C 57 -0.11 31.24 4.13
C VAL C 57 0.07 30.21 3.01
N ALA C 58 0.37 30.70 1.81
CA ALA C 58 0.66 29.85 0.66
C ALA C 58 2.10 30.09 0.23
N PHE C 59 2.86 29.00 0.11
CA PHE C 59 4.28 29.12 -0.16
C PHE C 59 4.77 27.91 -0.95
N GLY C 60 5.94 28.07 -1.56
CA GLY C 60 6.66 27.02 -2.26
C GLY C 60 5.84 26.34 -3.35
N GLY C 61 6.30 25.15 -3.72
CA GLY C 61 5.63 24.37 -4.73
C GLY C 61 6.30 23.05 -5.02
N LEU C 62 5.54 21.97 -4.95
CA LEU C 62 6.06 20.66 -5.30
C LEU C 62 6.32 20.58 -6.81
N GLU C 63 7.08 19.57 -7.21
CA GLU C 63 7.29 19.33 -8.63
C GLU C 63 6.05 18.71 -9.24
N LYS C 64 5.98 18.78 -10.58
CA LYS C 64 4.82 18.23 -11.28
C LYS C 64 4.72 16.72 -11.09
N SER C 65 5.86 16.04 -11.07
CA SER C 65 5.90 14.60 -10.88
C SER C 65 7.33 14.22 -10.53
N GLY C 66 7.53 12.94 -10.22
CA GLY C 66 8.84 12.39 -9.96
C GLY C 66 9.12 12.19 -8.49
N GLU C 67 10.33 11.69 -8.23
CA GLU C 67 10.73 11.35 -6.87
C GLU C 67 10.65 12.54 -5.92
N LEU C 68 10.93 13.76 -6.43
CA LEU C 68 10.88 14.94 -5.56
C LEU C 68 9.45 15.26 -5.15
N ARG C 69 8.50 15.13 -6.07
CA ARG C 69 7.10 15.38 -5.72
C ARG C 69 6.62 14.39 -4.67
N VAL C 70 6.89 13.10 -4.87
CA VAL C 70 6.52 12.09 -3.87
C VAL C 70 7.24 12.37 -2.56
N ARG C 71 8.46 12.92 -2.62
CA ARG C 71 9.17 13.30 -1.40
C ARG C 71 8.38 14.36 -0.64
N GLY C 72 7.90 15.38 -1.33
CA GLY C 72 7.07 16.39 -0.69
C GLY C 72 5.75 15.84 -0.20
N LEU C 73 5.19 14.87 -0.93
CA LEU C 73 3.95 14.24 -0.48
C LEU C 73 4.17 13.48 0.83
N GLU C 74 5.26 12.72 0.91
CA GLU C 74 5.60 12.06 2.16
C GLU C 74 5.78 13.07 3.28
N LEU C 75 6.37 14.22 2.98
CA LEU C 75 6.52 15.27 3.96
C LEU C 75 5.17 15.85 4.38
N LEU C 76 4.27 16.06 3.40
CA LEU C 76 2.94 16.57 3.71
C LEU C 76 2.16 15.62 4.60
N ALA C 77 2.28 14.31 4.34
CA ALA C 77 1.50 13.34 5.09
C ALA C 77 1.93 13.28 6.55
N ARG C 78 3.23 13.30 6.81
CA ARG C 78 3.74 13.24 8.18
C ARG C 78 3.63 14.57 8.91
N ALA C 79 3.44 15.67 8.19
CA ALA C 79 3.57 17.00 8.78
C ALA C 79 2.51 17.28 9.84
N ASN C 80 1.30 16.76 9.66
CA ASN C 80 0.18 17.10 10.53
C ASN C 80 -0.05 16.10 11.66
N TYR C 81 0.92 15.22 11.92
CA TYR C 81 0.78 14.23 12.97
C TYR C 81 1.28 14.80 14.29
N GLN C 82 0.41 14.81 15.30
CA GLN C 82 0.73 15.28 16.64
C GLN C 82 1.38 16.66 16.58
N ARG C 83 0.56 17.64 16.24
CA ARG C 83 1.04 18.98 15.97
C ARG C 83 1.43 19.70 17.26
N VAL C 84 2.46 20.54 17.15
CA VAL C 84 3.01 21.25 18.30
C VAL C 84 2.19 22.48 18.62
N GLY C 85 2.42 23.07 19.79
CA GLY C 85 1.84 24.37 20.11
C GLY C 85 0.33 24.33 20.16
N SER C 86 -0.30 25.30 19.49
CA SER C 86 -1.74 25.43 19.54
C SER C 86 -2.43 24.21 18.90
N GLY C 87 -1.82 23.65 17.85
CA GLY C 87 -2.51 22.64 17.08
C GLY C 87 -3.62 23.19 16.21
N ASN C 88 -3.63 24.51 16.00
CA ASN C 88 -4.63 25.17 15.16
C ASN C 88 -4.10 25.46 13.77
N LEU C 89 -3.20 24.62 13.26
CA LEU C 89 -2.63 24.78 11.94
C LEU C 89 -2.52 23.43 11.27
N ALA C 90 -2.58 23.42 9.94
CA ALA C 90 -2.50 22.19 9.18
C ALA C 90 -1.85 22.47 7.83
N LEU C 91 -0.79 21.73 7.52
CA LEU C 91 -0.12 21.85 6.23
C LEU C 91 -0.86 21.06 5.18
N SER C 92 -1.04 21.67 4.00
CA SER C 92 -1.83 21.05 2.95
C SER C 92 -1.30 21.49 1.60
N LEU C 93 -1.80 20.83 0.55
CA LEU C 93 -1.45 21.14 -0.82
C LEU C 93 -2.57 21.93 -1.47
N ALA C 94 -2.21 22.99 -2.19
CA ALA C 94 -3.19 23.85 -2.82
C ALA C 94 -3.95 23.10 -3.91
N PRO C 95 -5.13 23.60 -4.31
CA PRO C 95 -5.88 22.93 -5.39
C PRO C 95 -5.11 22.82 -6.69
N ASN C 96 -4.15 23.73 -6.94
CA ASN C 96 -3.34 23.63 -8.14
C ASN C 96 -2.35 22.47 -8.11
N GLY C 97 -2.35 21.67 -7.04
CA GLY C 97 -1.49 20.52 -6.94
C GLY C 97 -0.02 20.79 -6.75
N ARG C 98 0.38 22.06 -6.68
CA ARG C 98 1.79 22.42 -6.54
C ARG C 98 2.05 23.21 -5.26
N GLN C 99 1.36 24.33 -5.07
CA GLN C 99 1.66 25.22 -3.96
C GLN C 99 1.27 24.59 -2.62
N LEU C 100 2.08 24.85 -1.60
CA LEU C 100 1.78 24.41 -0.25
C LEU C 100 1.05 25.52 0.51
N VAL C 101 0.15 25.10 1.39
CA VAL C 101 -0.66 26.03 2.18
C VAL C 101 -0.54 25.65 3.64
N LEU C 102 -0.26 26.63 4.49
CA LEU C 102 -0.31 26.48 5.94
C LEU C 102 -1.48 27.32 6.43
N ALA C 103 -2.52 26.67 6.94
CA ALA C 103 -3.76 27.35 7.27
C ALA C 103 -4.37 26.79 8.54
N GLY C 104 -5.04 27.67 9.28
CA GLY C 104 -5.82 27.26 10.43
C GLY C 104 -7.00 28.19 10.58
N ARG C 105 -8.05 27.70 11.24
CA ARG C 105 -9.24 28.49 11.48
C ARG C 105 -9.78 28.23 12.87
N GLN C 106 -10.26 29.29 13.50
CA GLN C 106 -10.77 29.28 14.86
C GLN C 106 -12.06 30.10 14.91
N PRO C 107 -13.06 29.64 15.65
CA PRO C 107 -14.27 30.47 15.83
C PRO C 107 -13.92 31.75 16.56
N THR C 108 -14.65 32.81 16.21
CA THR C 108 -14.33 34.13 16.75
C THR C 108 -14.53 34.19 18.26
N GLU C 109 -15.45 33.36 18.78
CA GLU C 109 -15.69 33.33 20.22
C GLU C 109 -14.45 32.88 20.98
N HIS C 110 -13.69 31.94 20.40
CA HIS C 110 -12.48 31.45 21.05
C HIS C 110 -11.37 32.50 21.07
N LEU C 111 -11.49 33.55 20.28
CA LEU C 111 -10.39 34.48 20.02
C LEU C 111 -10.52 35.73 20.88
N ASN C 112 -9.44 36.07 21.57
CA ASN C 112 -9.22 37.39 22.14
C ASN C 112 -7.95 37.96 21.54
N SER C 113 -7.65 39.21 21.88
CA SER C 113 -6.47 39.84 21.31
C SER C 113 -5.19 39.13 21.76
N ALA C 114 -5.21 38.51 22.94
CA ALA C 114 -4.02 37.83 23.45
C ALA C 114 -3.74 36.54 22.70
N ASN C 115 -4.76 35.67 22.58
CA ASN C 115 -4.52 34.38 21.95
C ASN C 115 -4.31 34.50 20.44
N LEU C 116 -4.88 35.55 19.82
CA LEU C 116 -4.63 35.79 18.41
C LEU C 116 -3.15 36.12 18.16
N THR C 117 -2.55 36.90 19.06
CA THR C 117 -1.12 37.21 18.93
C THR C 117 -0.27 35.95 19.02
N VAL C 118 -0.64 35.03 19.91
CA VAL C 118 0.07 33.77 20.01
C VAL C 118 -0.09 32.95 18.74
N TRP C 119 -1.32 32.89 18.22
CA TRP C 119 -1.58 32.21 16.94
C TRP C 119 -0.78 32.84 15.81
N PHE C 120 -0.82 34.17 15.72
CA PHE C 120 -0.15 34.88 14.64
C PHE C 120 1.34 34.59 14.63
N HIS C 121 1.95 34.42 15.80
CA HIS C 121 3.38 34.15 15.87
C HIS C 121 3.71 32.71 15.51
N GLU C 122 2.80 31.77 15.77
CA GLU C 122 3.07 30.37 15.46
C GLU C 122 3.03 30.13 13.95
N ILE C 123 2.01 30.65 13.26
CA ILE C 123 1.90 30.45 11.83
C ILE C 123 3.09 31.08 11.11
N ILE C 124 3.68 32.11 11.70
CA ILE C 124 4.87 32.72 11.11
C ILE C 124 6.06 31.80 11.27
N GLU C 125 6.34 31.36 12.50
CA GLU C 125 7.47 30.47 12.73
C GLU C 125 7.28 29.13 12.05
N GLN C 126 6.03 28.68 11.89
CA GLN C 126 5.78 27.43 11.17
C GLN C 126 5.98 27.63 9.67
N THR C 127 5.59 28.79 9.14
CA THR C 127 5.77 29.05 7.72
C THR C 127 7.25 29.07 7.34
N GLU C 128 8.04 29.84 8.09
CA GLU C 128 9.48 29.91 7.81
C GLU C 128 10.13 28.53 7.94
N LEU C 129 9.60 27.68 8.81
CA LEU C 129 10.15 26.34 8.98
C LEU C 129 9.79 25.44 7.80
N TRP C 130 8.49 25.31 7.52
CA TRP C 130 8.05 24.42 6.44
C TRP C 130 8.54 24.91 5.09
N GLN C 131 8.57 26.22 4.88
CA GLN C 131 9.04 26.77 3.60
C GLN C 131 10.50 26.39 3.36
N ALA C 132 11.35 26.55 4.38
CA ALA C 132 12.74 26.12 4.26
C ALA C 132 12.82 24.61 4.10
N ARG C 133 12.00 23.87 4.83
CA ARG C 133 12.02 22.42 4.74
C ARG C 133 11.65 21.94 3.35
N PHE C 134 10.65 22.56 2.73
CA PHE C 134 10.20 22.13 1.41
C PHE C 134 11.06 22.70 0.29
N ALA C 135 11.75 23.82 0.52
CA ALA C 135 12.68 24.34 -0.47
C ALA C 135 14.00 23.58 -0.49
N MET C 136 14.22 22.69 0.47
CA MET C 136 15.42 21.87 0.56
C MET C 136 15.05 20.40 0.62
N LEU C 137 14.10 19.97 -0.23
CA LEU C 137 13.64 18.59 -0.23
C LEU C 137 14.79 17.63 -0.51
N ASP C 138 15.38 17.74 -1.70
CA ASP C 138 16.68 17.12 -1.97
C ASP C 138 17.72 18.16 -1.62
N GLN C 139 18.17 18.14 -0.37
CA GLN C 139 19.01 19.17 0.24
C GLN C 139 20.05 19.80 -0.69
#